data_5IRP
#
_entry.id   5IRP
#
_cell.length_a   72.888
_cell.length_b   72.888
_cell.length_c   332.833
_cell.angle_alpha   90.00
_cell.angle_beta   90.00
_cell.angle_gamma   90.00
#
_symmetry.space_group_name_H-M   'P 43 2 2'
#
loop_
_entity.id
_entity.type
_entity.pdbx_description
1 polymer 'Alanine racemase 2'
2 non-polymer 'CHLORIDE ION'
3 non-polymer '(5-hydroxy-6-methylpyridin-3-yl)methyl dihydrogen phosphate'
4 non-polymer 2-AMINO-2-HYDROXYMETHYL-PROPANE-1,3-DIOL
5 non-polymer DI(HYDROXYETHYL)ETHER
6 non-polymer GLYCEROL
7 non-polymer 'MAGNESIUM ION'
8 non-polymer 'CARBON DIOXIDE'
9 water water
#
_entity_poly.entity_id   1
_entity_poly.type   'polypeptide(L)'
_entity_poly.pdbx_seq_one_letter_code
;MIKLCREVWIEVNLDAVKKNLRAIRRHIPHKSKIMAVVKANGYGHGSIEVARHALEHGASELAVASVEEGIVLRKAGITA
PILVLGFTSLSCVKKSAAWNITLSAFQVDWMKEANEILEKEASANRLAIHINVDTGMGRLGVRTKEELLEVVKALKASKF
LRWTGIFTHFSTADEPDTTLTKLQHEKFISFLSFLKKQGIELPTVHMCNTAAAIAFPEFSADMIRLGIGLYGLYPSAYIK
QLNLVKLEPALSLKARIAYVKTMRTEPRTVSYGATYIAEPNEVIATLPIGYADGYSRALSNRGFVLHRGKRVPVAGRVTM
DMIMVSLGENGEGKQGDEVVIYGKQKGAEISVDEVAEMLNTINYEVVSTLSRRIPRFYIRDGEIFKVSTPVLYV
;
_entity_poly.pdbx_strand_id   A,B
#
# COMPACT_ATOMS: atom_id res chain seq x y z
N MET A 1 7.62 -20.67 17.11
CA MET A 1 7.59 -19.22 16.91
C MET A 1 7.93 -18.87 15.46
N ILE A 2 7.44 -17.70 15.02
CA ILE A 2 7.56 -17.28 13.63
C ILE A 2 9.02 -16.97 13.30
N LYS A 3 9.47 -17.44 12.13
CA LYS A 3 10.84 -17.23 11.66
C LYS A 3 10.80 -16.35 10.41
N LEU A 4 11.32 -15.13 10.53
CA LEU A 4 11.31 -14.17 9.45
C LEU A 4 12.69 -13.54 9.31
N CYS A 5 13.04 -13.15 8.09
CA CYS A 5 14.25 -12.35 7.88
C CYS A 5 14.03 -10.92 8.38
N ARG A 6 12.98 -10.28 7.90
CA ARG A 6 12.52 -8.97 8.35
C ARG A 6 11.32 -9.21 9.25
N GLU A 7 11.44 -8.85 10.54
CA GLU A 7 10.54 -9.37 11.56
C GLU A 7 9.34 -8.44 11.80
N VAL A 8 8.51 -8.32 10.77
CA VAL A 8 7.23 -7.62 10.86
C VAL A 8 6.19 -8.53 10.21
N TRP A 9 5.02 -8.67 10.83
CA TRP A 9 4.04 -9.58 10.27
C TRP A 9 2.64 -9.19 10.73
N ILE A 10 1.65 -9.71 10.02
CA ILE A 10 0.24 -9.54 10.37
C ILE A 10 -0.28 -10.86 10.87
N GLU A 11 -1.14 -10.83 11.90
CA GLU A 11 -1.90 -11.99 12.34
C GLU A 11 -3.38 -11.71 12.13
N VAL A 12 -4.05 -12.58 11.37
CA VAL A 12 -5.49 -12.47 11.11
C VAL A 12 -6.17 -13.62 11.83
N ASN A 13 -6.99 -13.28 12.82
CA ASN A 13 -7.64 -14.28 13.65
C ASN A 13 -8.96 -14.69 13.00
N LEU A 14 -8.99 -15.89 12.42
CA LEU A 14 -10.17 -16.37 11.72
C LEU A 14 -11.28 -16.81 12.69
N ASP A 15 -10.93 -17.13 13.93
CA ASP A 15 -11.96 -17.36 14.95
C ASP A 15 -12.77 -16.08 15.17
N ALA A 16 -12.10 -14.93 15.19
CA ALA A 16 -12.82 -13.67 15.30
C ALA A 16 -13.69 -13.45 14.07
N VAL A 17 -13.16 -13.74 12.87
CA VAL A 17 -13.96 -13.61 11.66
C VAL A 17 -15.20 -14.49 11.72
N LYS A 18 -15.06 -15.73 12.19
CA LYS A 18 -16.22 -16.61 12.34
C LYS A 18 -17.25 -16.00 13.30
N LYS A 19 -16.79 -15.51 14.45
CA LYS A 19 -17.70 -14.90 15.41
C LYS A 19 -18.37 -13.66 14.84
N ASN A 20 -17.63 -12.87 14.06
CA ASN A 20 -18.23 -11.69 13.43
C ASN A 20 -19.35 -12.08 12.47
N LEU A 21 -19.12 -13.12 11.66
CA LEU A 21 -20.15 -13.58 10.73
C LEU A 21 -21.38 -14.08 11.49
N ARG A 22 -21.15 -14.85 12.56
CA ARG A 22 -22.27 -15.35 13.36
C ARG A 22 -23.07 -14.19 13.96
N ALA A 23 -22.38 -13.18 14.49
CA ALA A 23 -23.08 -12.05 15.10
C ALA A 23 -23.97 -11.35 14.09
N ILE A 24 -23.48 -11.15 12.87
CA ILE A 24 -24.29 -10.51 11.84
C ILE A 24 -25.42 -11.45 11.39
N ARG A 25 -25.10 -12.73 11.19
CA ARG A 25 -26.12 -13.71 10.82
C ARG A 25 -27.25 -13.71 11.85
N ARG A 26 -26.89 -13.73 13.13
CA ARG A 26 -27.89 -13.81 14.20
C ARG A 26 -28.75 -12.55 14.29
N HIS A 27 -28.31 -11.45 13.68
CA HIS A 27 -28.97 -10.15 13.78
C HIS A 27 -29.92 -9.87 12.62
N ILE A 28 -29.57 -10.27 11.40
CA ILE A 28 -30.39 -9.98 10.21
C ILE A 28 -31.44 -11.07 10.06
N PRO A 29 -32.44 -10.91 9.17
CA PRO A 29 -33.48 -11.93 9.06
C PRO A 29 -32.91 -13.28 8.63
N HIS A 30 -33.60 -14.34 9.06
CA HIS A 30 -33.10 -15.69 8.84
C HIS A 30 -32.91 -16.01 7.37
N LYS A 31 -33.79 -15.51 6.49
CA LYS A 31 -33.72 -15.85 5.08
C LYS A 31 -32.64 -15.09 4.31
N SER A 32 -32.04 -14.06 4.90
CA SER A 32 -31.12 -13.21 4.16
C SER A 32 -29.75 -13.90 4.04
N LYS A 33 -29.20 -13.90 2.83
CA LYS A 33 -27.85 -14.42 2.64
C LYS A 33 -26.82 -13.33 2.93
N ILE A 34 -25.57 -13.76 3.08
CA ILE A 34 -24.45 -12.85 3.30
C ILE A 34 -23.48 -12.98 2.14
N MET A 35 -23.20 -11.87 1.48
CA MET A 35 -22.10 -11.76 0.53
C MET A 35 -20.93 -11.14 1.27
N ALA A 36 -19.84 -11.89 1.41
CA ALA A 36 -18.66 -11.38 2.11
C ALA A 36 -17.84 -10.51 1.18
N VAL A 37 -17.54 -9.28 1.61
CA VAL A 37 -16.85 -8.32 0.76
C VAL A 37 -15.35 -8.44 1.04
N VAL A 38 -14.60 -8.95 0.06
CA VAL A 38 -13.18 -9.23 0.25
C VAL A 38 -12.33 -8.45 -0.75
N LYS A 39 -12.86 -7.34 -1.25
CA LYS A 39 -12.10 -6.50 -2.17
C LYS A 39 -10.87 -5.94 -1.48
N ALA A 40 -9.94 -5.44 -2.29
CA ALA A 40 -8.72 -4.82 -1.79
C ALA A 40 -7.93 -5.79 -0.91
N ASN A 41 -7.80 -7.02 -1.39
CA ASN A 41 -7.04 -8.06 -0.68
C ASN A 41 -7.65 -8.34 0.69
N GLY A 42 -8.98 -8.48 0.72
CA GLY A 42 -9.69 -8.68 1.98
C GLY A 42 -9.50 -7.51 2.95
N TYR A 43 -9.65 -6.28 2.46
CA TYR A 43 -9.42 -5.10 3.28
C TYR A 43 -8.05 -5.16 3.94
N GLY A 44 -7.05 -5.66 3.20
CA GLY A 44 -5.70 -5.85 3.72
C GLY A 44 -5.48 -7.09 4.57
N HIS A 45 -6.49 -7.92 4.78
CA HIS A 45 -6.35 -9.10 5.62
C HIS A 45 -5.92 -10.34 4.83
N GLY A 46 -5.87 -10.26 3.51
CA GLY A 46 -5.73 -11.44 2.68
C GLY A 46 -7.06 -11.95 2.15
N SER A 47 -7.33 -11.73 0.85
CA SER A 47 -8.64 -12.08 0.32
C SER A 47 -8.89 -13.58 0.36
N ILE A 48 -7.88 -14.39 0.01
CA ILE A 48 -8.11 -15.84 -0.13
C ILE A 48 -8.54 -16.47 1.20
N GLU A 49 -7.75 -16.28 2.27
CA GLU A 49 -8.05 -17.04 3.47
C GLU A 49 -9.28 -16.52 4.20
N VAL A 50 -9.57 -15.22 4.08
CA VAL A 50 -10.80 -14.71 4.67
C VAL A 50 -12.00 -15.21 3.89
N ALA A 51 -11.96 -15.14 2.55
CA ALA A 51 -13.05 -15.66 1.74
C ALA A 51 -13.31 -17.12 2.06
N ARG A 52 -12.25 -17.92 2.08
CA ARG A 52 -12.40 -19.34 2.39
C ARG A 52 -13.11 -19.55 3.72
N HIS A 53 -12.68 -18.82 4.75
CA HIS A 53 -13.27 -19.05 6.06
C HIS A 53 -14.72 -18.59 6.09
N ALA A 54 -15.02 -17.46 5.42
CA ALA A 54 -16.37 -16.90 5.46
C ALA A 54 -17.38 -17.82 4.76
N LEU A 55 -17.00 -18.36 3.59
CA LEU A 55 -17.90 -19.27 2.89
C LEU A 55 -18.16 -20.53 3.69
N GLU A 56 -17.29 -20.85 4.63
CA GLU A 56 -17.47 -22.00 5.50
C GLU A 56 -18.38 -21.69 6.69
N HIS A 57 -18.57 -20.42 7.04
CA HIS A 57 -19.21 -20.10 8.31
C HIS A 57 -20.32 -19.06 8.17
N GLY A 58 -21.05 -19.07 7.07
CA GLY A 58 -22.22 -18.22 7.00
C GLY A 58 -22.40 -17.43 5.73
N ALA A 59 -21.32 -17.24 4.98
CA ALA A 59 -21.41 -16.50 3.73
C ALA A 59 -21.60 -17.46 2.58
N SER A 60 -22.32 -17.00 1.54
CA SER A 60 -22.48 -17.84 0.36
C SER A 60 -21.98 -17.22 -0.93
N GLU A 61 -21.74 -15.90 -0.98
CA GLU A 61 -21.16 -15.27 -2.16
C GLU A 61 -20.09 -14.29 -1.72
N LEU A 62 -19.34 -13.76 -2.68
CA LEU A 62 -18.22 -12.86 -2.43
C LEU A 62 -18.36 -11.63 -3.32
N ALA A 63 -17.77 -10.53 -2.87
CA ALA A 63 -17.69 -9.34 -3.70
C ALA A 63 -16.25 -8.88 -3.76
N VAL A 64 -15.83 -8.42 -4.95
CA VAL A 64 -14.48 -7.88 -5.15
C VAL A 64 -14.61 -6.59 -5.95
N ALA A 65 -13.47 -5.90 -6.11
CA ALA A 65 -13.39 -4.67 -6.89
C ALA A 65 -13.18 -4.90 -8.38
N SER A 66 -12.66 -6.06 -8.78
CA SER A 66 -12.21 -6.20 -10.16
C SER A 66 -12.23 -7.67 -10.54
N VAL A 67 -12.30 -7.91 -11.86
CA VAL A 67 -12.15 -9.28 -12.36
C VAL A 67 -10.86 -9.88 -11.84
N GLU A 68 -9.78 -9.09 -11.85
CA GLU A 68 -8.48 -9.60 -11.42
C GLU A 68 -8.52 -10.09 -9.97
N GLU A 69 -9.21 -9.37 -9.09
CA GLU A 69 -9.36 -9.85 -7.71
C GLU A 69 -10.18 -11.12 -7.63
N GLY A 70 -11.15 -11.28 -8.53
CA GLY A 70 -11.93 -12.51 -8.54
C GLY A 70 -11.12 -13.69 -9.05
N ILE A 71 -10.25 -13.45 -10.02
CA ILE A 71 -9.42 -14.50 -10.58
C ILE A 71 -8.46 -15.05 -9.53
N VAL A 72 -7.92 -14.18 -8.68
CA VAL A 72 -7.07 -14.63 -7.58
C VAL A 72 -7.79 -15.68 -6.74
N LEU A 73 -9.06 -15.42 -6.41
CA LEU A 73 -9.84 -16.33 -5.58
C LEU A 73 -10.13 -17.63 -6.32
N ARG A 74 -10.49 -17.55 -7.60
CA ARG A 74 -10.73 -18.75 -8.39
C ARG A 74 -9.48 -19.61 -8.45
N LYS A 75 -8.32 -18.99 -8.62
CA LYS A 75 -7.08 -19.76 -8.69
C LYS A 75 -6.79 -20.48 -7.39
N ALA A 76 -7.23 -19.93 -6.25
CA ALA A 76 -7.06 -20.60 -4.97
C ALA A 76 -8.08 -21.71 -4.74
N GLY A 77 -8.96 -21.97 -5.69
CA GLY A 77 -9.93 -23.04 -5.56
C GLY A 77 -11.31 -22.62 -5.11
N ILE A 78 -11.57 -21.32 -4.97
CA ILE A 78 -12.89 -20.86 -4.53
C ILE A 78 -13.86 -20.90 -5.70
N THR A 79 -14.99 -21.60 -5.52
CA THR A 79 -15.97 -21.75 -6.58
C THR A 79 -17.26 -20.96 -6.35
N ALA A 80 -17.42 -20.32 -5.18
CA ALA A 80 -18.62 -19.56 -4.87
C ALA A 80 -18.81 -18.41 -5.85
N PRO A 81 -20.04 -17.91 -5.99
CA PRO A 81 -20.27 -16.71 -6.81
C PRO A 81 -19.43 -15.54 -6.35
N ILE A 82 -18.89 -14.80 -7.31
CA ILE A 82 -18.05 -13.64 -7.04
C ILE A 82 -18.59 -12.48 -7.86
N LEU A 83 -18.97 -11.39 -7.20
CA LEU A 83 -19.51 -10.21 -7.87
C LEU A 83 -18.45 -9.13 -7.96
N VAL A 84 -18.23 -8.60 -9.17
CA VAL A 84 -17.38 -7.43 -9.33
C VAL A 84 -18.24 -6.18 -9.10
N LEU A 85 -17.85 -5.36 -8.11
CA LEU A 85 -18.68 -4.21 -7.70
C LEU A 85 -18.47 -2.97 -8.55
N GLY A 86 -17.29 -2.82 -9.15
CA GLY A 86 -16.99 -1.68 -9.99
C GLY A 86 -17.22 -1.97 -11.46
N PHE A 87 -16.71 -1.07 -12.29
CA PHE A 87 -16.91 -1.18 -13.74
C PHE A 87 -15.88 -2.15 -14.34
N THR A 88 -16.36 -3.02 -15.24
CA THR A 88 -15.49 -3.94 -15.97
C THR A 88 -15.52 -3.61 -17.46
N SER A 89 -14.35 -3.34 -18.02
CA SER A 89 -14.28 -3.01 -19.44
C SER A 89 -14.77 -4.18 -20.29
N LEU A 90 -15.36 -3.84 -21.45
CA LEU A 90 -15.86 -4.88 -22.35
C LEU A 90 -14.75 -5.81 -22.84
N SER A 91 -13.49 -5.40 -22.76
CA SER A 91 -12.43 -6.30 -23.19
C SER A 91 -12.27 -7.50 -22.24
N CYS A 92 -12.97 -7.51 -21.12
CA CYS A 92 -12.87 -8.61 -20.17
C CYS A 92 -14.16 -9.41 -20.03
N VAL A 93 -15.11 -9.23 -20.96
CA VAL A 93 -16.35 -9.99 -20.92
C VAL A 93 -16.09 -11.49 -21.14
N LYS A 94 -15.30 -11.84 -22.15
CA LYS A 94 -15.07 -13.26 -22.44
C LYS A 94 -14.35 -13.94 -21.28
N LYS A 95 -13.30 -13.30 -20.76
CA LYS A 95 -12.55 -13.85 -19.63
C LYS A 95 -13.43 -14.01 -18.38
N SER A 96 -14.31 -13.05 -18.11
CA SER A 96 -15.17 -13.19 -16.94
C SER A 96 -16.13 -14.36 -17.08
N ALA A 97 -16.58 -14.66 -18.31
CA ALA A 97 -17.44 -15.81 -18.54
C ALA A 97 -16.68 -17.12 -18.33
N ALA A 98 -15.43 -17.18 -18.80
CA ALA A 98 -14.63 -18.39 -18.63
C ALA A 98 -14.35 -18.68 -17.16
N TRP A 99 -14.12 -17.64 -16.37
CA TRP A 99 -13.82 -17.77 -14.95
C TRP A 99 -15.07 -17.77 -14.07
N ASN A 100 -16.26 -17.74 -14.67
CA ASN A 100 -17.53 -17.77 -13.95
C ASN A 100 -17.60 -16.62 -12.93
N ILE A 101 -17.17 -15.44 -13.34
CA ILE A 101 -17.21 -14.26 -12.49
C ILE A 101 -18.44 -13.44 -12.87
N THR A 102 -19.14 -12.94 -11.84
CA THR A 102 -20.33 -12.12 -12.01
C THR A 102 -19.95 -10.66 -12.09
N LEU A 103 -20.45 -9.95 -13.09
CA LEU A 103 -20.10 -8.55 -13.30
C LEU A 103 -21.29 -7.64 -13.00
N SER A 104 -21.00 -6.43 -12.52
N SER A 104 -21.00 -6.42 -12.53
CA SER A 104 -22.01 -5.39 -12.41
CA SER A 104 -22.03 -5.41 -12.40
C SER A 104 -22.07 -4.58 -13.69
C SER A 104 -22.06 -4.55 -13.66
N ALA A 105 -23.26 -4.13 -14.05
CA ALA A 105 -23.45 -3.26 -15.21
C ALA A 105 -24.77 -2.53 -15.05
N PHE A 106 -24.95 -1.48 -15.85
CA PHE A 106 -26.17 -0.68 -15.67
C PHE A 106 -26.50 0.16 -16.90
N GLN A 107 -26.05 -0.21 -18.09
CA GLN A 107 -26.20 0.59 -19.29
C GLN A 107 -26.60 -0.29 -20.45
N VAL A 108 -27.60 0.16 -21.23
CA VAL A 108 -28.10 -0.63 -22.36
C VAL A 108 -26.96 -1.00 -23.31
N ASP A 109 -26.13 -0.01 -23.68
CA ASP A 109 -25.06 -0.27 -24.63
C ASP A 109 -24.10 -1.34 -24.13
N TRP A 110 -23.77 -1.30 -22.83
CA TRP A 110 -22.84 -2.28 -22.29
C TRP A 110 -23.43 -3.69 -22.39
N MET A 111 -24.71 -3.84 -22.01
CA MET A 111 -25.37 -5.13 -22.14
C MET A 111 -25.29 -5.66 -23.57
N LYS A 112 -25.63 -4.78 -24.54
CA LYS A 112 -25.72 -5.22 -25.93
C LYS A 112 -24.36 -5.61 -26.51
N GLU A 113 -23.33 -4.80 -26.25
CA GLU A 113 -22.00 -5.11 -26.78
C GLU A 113 -21.40 -6.33 -26.09
N ALA A 114 -21.63 -6.48 -24.78
CA ALA A 114 -21.13 -7.66 -24.08
C ALA A 114 -21.77 -8.92 -24.64
N ASN A 115 -23.09 -8.89 -24.86
CA ASN A 115 -23.77 -10.03 -25.45
C ASN A 115 -23.25 -10.32 -26.85
N GLU A 116 -22.91 -9.26 -27.59
CA GLU A 116 -22.39 -9.43 -28.95
C GLU A 116 -21.05 -10.16 -28.95
N ILE A 117 -20.17 -9.81 -28.01
CA ILE A 117 -18.89 -10.50 -27.88
C ILE A 117 -19.10 -11.99 -27.66
N LEU A 118 -19.95 -12.34 -26.69
CA LEU A 118 -20.17 -13.73 -26.33
C LEU A 118 -20.86 -14.48 -27.47
N GLU A 119 -21.78 -13.81 -28.18
CA GLU A 119 -22.46 -14.42 -29.31
C GLU A 119 -21.48 -14.81 -30.41
N LYS A 120 -20.46 -13.96 -30.62
CA LYS A 120 -19.42 -14.26 -31.60
C LYS A 120 -18.50 -15.37 -31.15
N GLU A 121 -18.42 -15.63 -29.84
CA GLU A 121 -17.62 -16.72 -29.32
C GLU A 121 -18.40 -18.02 -29.19
N ALA A 122 -19.72 -17.98 -29.38
CA ALA A 122 -20.60 -19.13 -29.08
C ALA A 122 -20.30 -19.66 -27.68
N SER A 123 -20.32 -18.75 -26.70
CA SER A 123 -19.94 -19.10 -25.35
C SER A 123 -20.89 -20.15 -24.76
N ALA A 124 -20.31 -21.18 -24.15
CA ALA A 124 -21.03 -22.30 -23.53
C ALA A 124 -21.61 -21.96 -22.17
N ASN A 125 -21.67 -20.69 -21.81
CA ASN A 125 -22.27 -20.32 -20.54
C ASN A 125 -22.64 -18.86 -20.64
N ARG A 126 -23.77 -18.52 -20.03
CA ARG A 126 -24.17 -17.13 -19.93
C ARG A 126 -23.33 -16.44 -18.86
N LEU A 127 -22.99 -15.19 -19.12
CA LEU A 127 -22.29 -14.37 -18.15
C LEU A 127 -23.29 -13.81 -17.15
N ALA A 128 -23.03 -14.03 -15.85
CA ALA A 128 -23.94 -13.52 -14.83
C ALA A 128 -23.72 -12.03 -14.62
N ILE A 129 -24.82 -11.29 -14.45
CA ILE A 129 -24.82 -9.82 -14.37
C ILE A 129 -25.69 -9.37 -13.20
N HIS A 130 -25.19 -8.45 -12.37
CA HIS A 130 -26.04 -7.68 -11.46
C HIS A 130 -26.21 -6.26 -11.99
N ILE A 131 -27.41 -5.70 -11.86
CA ILE A 131 -27.66 -4.31 -12.20
C ILE A 131 -27.48 -3.43 -10.97
N ASN A 132 -26.65 -2.41 -11.09
CA ASN A 132 -26.46 -1.39 -10.06
C ASN A 132 -27.46 -0.25 -10.28
N VAL A 133 -28.28 0.02 -9.26
CA VAL A 133 -29.17 1.19 -9.24
C VAL A 133 -28.53 2.25 -8.36
N ASP A 134 -28.26 3.41 -8.93
CA ASP A 134 -27.69 4.54 -8.18
C ASP A 134 -28.87 5.32 -7.58
N THR A 135 -29.09 5.18 -6.27
CA THR A 135 -30.12 5.92 -5.56
C THR A 135 -29.59 7.11 -4.77
N GLY A 136 -28.32 7.47 -4.92
CA GLY A 136 -27.83 8.61 -4.17
C GLY A 136 -26.35 8.60 -3.87
N MET A 137 -25.70 7.43 -4.06
CA MET A 137 -24.25 7.39 -3.91
C MET A 137 -23.55 8.15 -5.04
N GLY A 138 -24.19 8.22 -6.21
CA GLY A 138 -23.65 8.99 -7.31
C GLY A 138 -22.34 8.49 -7.89
N ARG A 139 -22.06 7.19 -7.73
CA ARG A 139 -20.79 6.62 -8.16
C ARG A 139 -20.98 5.83 -9.46
N LEU A 140 -21.63 4.68 -9.38
CA LEU A 140 -22.04 3.92 -10.54
C LEU A 140 -23.52 3.57 -10.39
N GLY A 141 -24.15 3.21 -11.51
CA GLY A 141 -25.51 2.72 -11.47
C GLY A 141 -26.48 3.55 -12.28
N VAL A 142 -27.64 2.97 -12.64
CA VAL A 142 -28.67 3.69 -13.38
C VAL A 142 -29.54 4.47 -12.39
N ARG A 143 -30.00 5.67 -12.79
CA ARG A 143 -30.58 6.60 -11.82
C ARG A 143 -32.07 6.88 -12.00
N THR A 144 -32.71 6.40 -13.07
CA THR A 144 -34.14 6.65 -13.29
C THR A 144 -34.86 5.33 -13.55
N LYS A 145 -36.17 5.32 -13.25
CA LYS A 145 -37.03 4.16 -13.51
C LYS A 145 -37.00 3.76 -14.97
N GLU A 146 -37.21 4.73 -15.86
CA GLU A 146 -37.36 4.42 -17.28
C GLU A 146 -36.08 3.87 -17.88
N GLU A 147 -34.93 4.39 -17.45
CA GLU A 147 -33.68 3.82 -17.96
C GLU A 147 -33.38 2.47 -17.31
N LEU A 148 -33.80 2.26 -16.06
CA LEU A 148 -33.69 0.93 -15.45
C LEU A 148 -34.45 -0.10 -16.28
N LEU A 149 -35.67 0.24 -16.69
CA LEU A 149 -36.47 -0.68 -17.50
C LEU A 149 -35.80 -0.99 -18.83
N GLU A 150 -35.26 0.05 -19.50
CA GLU A 150 -34.54 -0.20 -20.75
C GLU A 150 -33.34 -1.13 -20.51
N VAL A 151 -32.65 -0.95 -19.39
CA VAL A 151 -31.48 -1.78 -19.09
C VAL A 151 -31.90 -3.22 -18.83
N VAL A 152 -32.99 -3.41 -18.09
CA VAL A 152 -33.48 -4.76 -17.80
C VAL A 152 -33.93 -5.45 -19.09
N LYS A 153 -34.63 -4.72 -19.97
CA LYS A 153 -35.09 -5.31 -21.23
C LYS A 153 -33.93 -5.73 -22.11
N ALA A 154 -32.86 -4.93 -22.15
CA ALA A 154 -31.68 -5.30 -22.94
C ALA A 154 -30.97 -6.51 -22.34
N LEU A 155 -30.85 -6.57 -21.01
CA LEU A 155 -30.24 -7.72 -20.36
C LEU A 155 -31.06 -8.99 -20.62
N LYS A 156 -32.39 -8.91 -20.46
CA LYS A 156 -33.22 -10.09 -20.69
C LYS A 156 -33.23 -10.51 -22.16
N ALA A 157 -33.11 -9.55 -23.08
CA ALA A 157 -33.06 -9.88 -24.50
C ALA A 157 -31.69 -10.40 -24.92
N SER A 158 -30.66 -10.23 -24.09
CA SER A 158 -29.31 -10.73 -24.37
C SER A 158 -29.22 -12.18 -23.92
N LYS A 159 -29.35 -13.12 -24.86
CA LYS A 159 -29.40 -14.54 -24.53
C LYS A 159 -28.10 -15.06 -23.91
N PHE A 160 -26.97 -14.37 -24.11
CA PHE A 160 -25.71 -14.82 -23.53
C PHE A 160 -25.40 -14.16 -22.20
N LEU A 161 -26.30 -13.33 -21.68
CA LEU A 161 -26.17 -12.76 -20.34
C LEU A 161 -27.28 -13.32 -19.44
N ARG A 162 -27.02 -13.34 -18.13
CA ARG A 162 -27.97 -13.85 -17.16
C ARG A 162 -28.08 -12.89 -15.99
N TRP A 163 -29.27 -12.33 -15.78
CA TRP A 163 -29.55 -11.42 -14.66
C TRP A 163 -29.65 -12.20 -13.35
N THR A 164 -28.71 -12.00 -12.42
CA THR A 164 -28.74 -12.71 -11.16
C THR A 164 -28.79 -11.82 -9.92
N GLY A 165 -28.90 -10.51 -10.08
CA GLY A 165 -29.04 -9.66 -8.91
C GLY A 165 -29.28 -8.21 -9.30
N ILE A 166 -29.76 -7.45 -8.33
CA ILE A 166 -29.93 -6.01 -8.51
C ILE A 166 -29.68 -5.36 -7.16
N PHE A 167 -28.95 -4.24 -7.16
CA PHE A 167 -28.50 -3.68 -5.90
C PHE A 167 -28.40 -2.16 -5.96
N THR A 168 -28.32 -1.56 -4.77
CA THR A 168 -27.93 -0.18 -4.60
C THR A 168 -27.01 -0.08 -3.39
N HIS A 169 -26.36 1.07 -3.26
CA HIS A 169 -25.41 1.34 -2.18
C HIS A 169 -25.86 2.59 -1.43
N PHE A 170 -25.90 2.48 -0.09
CA PHE A 170 -26.25 3.60 0.78
C PHE A 170 -25.02 4.44 1.06
N SER A 171 -25.17 5.77 1.05
CA SER A 171 -24.00 6.62 1.23
C SER A 171 -23.86 7.20 2.64
N THR A 172 -24.90 7.14 3.48
CA THR A 172 -24.81 7.71 4.83
C THR A 172 -25.53 6.85 5.88
N ALA A 173 -25.57 5.53 5.69
CA ALA A 173 -26.24 4.64 6.63
C ALA A 173 -25.48 4.47 7.95
N ASP A 174 -24.24 4.94 8.04
CA ASP A 174 -23.50 4.93 9.29
C ASP A 174 -23.61 6.25 10.05
N GLU A 175 -24.58 7.11 9.68
CA GLU A 175 -24.64 8.45 10.30
C GLU A 175 -25.88 8.61 11.16
N PRO A 176 -25.82 9.47 12.20
CA PRO A 176 -26.99 9.63 13.09
C PRO A 176 -28.25 10.10 12.39
N ASP A 177 -28.14 11.01 11.42
CA ASP A 177 -29.30 11.49 10.67
C ASP A 177 -29.61 10.47 9.59
N THR A 178 -30.73 9.75 9.74
CA THR A 178 -31.11 8.68 8.83
C THR A 178 -31.93 9.15 7.63
N THR A 179 -32.19 10.46 7.52
CA THR A 179 -33.05 10.99 6.45
C THR A 179 -32.63 10.48 5.07
N LEU A 180 -31.36 10.66 4.69
CA LEU A 180 -30.94 10.27 3.35
C LEU A 180 -31.03 8.76 3.15
N THR A 181 -30.67 7.97 4.17
CA THR A 181 -30.79 6.52 4.04
C THR A 181 -32.24 6.10 3.78
N LYS A 182 -33.19 6.72 4.48
CA LYS A 182 -34.59 6.35 4.28
C LYS A 182 -35.06 6.76 2.89
N LEU A 183 -34.59 7.90 2.39
CA LEU A 183 -34.91 8.30 1.02
C LEU A 183 -34.32 7.33 0.00
N GLN A 184 -33.08 6.90 0.20
CA GLN A 184 -32.48 5.92 -0.71
C GLN A 184 -33.29 4.62 -0.73
N HIS A 185 -33.62 4.10 0.45
CA HIS A 185 -34.40 2.86 0.53
C HIS A 185 -35.75 3.02 -0.17
N GLU A 186 -36.47 4.10 0.14
CA GLU A 186 -37.76 4.37 -0.51
C GLU A 186 -37.63 4.37 -2.03
N LYS A 187 -36.57 5.03 -2.55
CA LYS A 187 -36.39 5.12 -4.00
C LYS A 187 -36.07 3.76 -4.60
N PHE A 188 -35.18 2.99 -3.96
CA PHE A 188 -34.86 1.66 -4.45
C PHE A 188 -36.10 0.77 -4.48
N ILE A 189 -36.89 0.78 -3.40
CA ILE A 189 -38.12 -0.01 -3.38
C ILE A 189 -39.07 0.45 -4.48
N SER A 190 -39.17 1.76 -4.69
CA SER A 190 -40.06 2.29 -5.72
C SER A 190 -39.64 1.83 -7.11
N PHE A 191 -38.34 1.86 -7.41
CA PHE A 191 -37.86 1.35 -8.70
C PHE A 191 -38.17 -0.14 -8.86
N LEU A 192 -37.97 -0.93 -7.80
CA LEU A 192 -38.21 -2.36 -7.90
C LEU A 192 -39.69 -2.66 -8.10
N SER A 193 -40.56 -1.91 -7.43
CA SER A 193 -41.99 -2.10 -7.61
CA SER A 193 -41.99 -2.09 -7.60
C SER A 193 -42.43 -1.69 -9.00
N PHE A 194 -41.81 -0.66 -9.58
CA PHE A 194 -42.10 -0.28 -10.96
C PHE A 194 -41.74 -1.41 -11.93
N LEU A 195 -40.65 -2.12 -11.66
CA LEU A 195 -40.29 -3.26 -12.51
C LEU A 195 -41.30 -4.38 -12.36
N LYS A 196 -41.71 -4.68 -11.12
CA LYS A 196 -42.71 -5.72 -10.91
C LYS A 196 -44.03 -5.36 -11.59
N LYS A 197 -44.40 -4.07 -11.57
CA LYS A 197 -45.63 -3.68 -12.25
C LYS A 197 -45.54 -3.81 -13.76
N GLN A 198 -44.35 -3.99 -14.32
CA GLN A 198 -44.20 -4.31 -15.74
C GLN A 198 -44.25 -5.81 -15.99
N GLY A 199 -44.45 -6.62 -14.95
CA GLY A 199 -44.45 -8.06 -15.07
C GLY A 199 -43.12 -8.72 -14.83
N ILE A 200 -42.12 -7.98 -14.36
CA ILE A 200 -40.75 -8.49 -14.26
C ILE A 200 -40.55 -9.15 -12.90
N GLU A 201 -40.04 -10.37 -12.91
CA GLU A 201 -39.66 -11.05 -11.67
C GLU A 201 -38.23 -10.66 -11.31
N LEU A 202 -38.03 -10.33 -10.03
CA LEU A 202 -36.70 -9.84 -9.66
C LEU A 202 -35.77 -10.98 -9.27
N PRO A 203 -34.48 -10.85 -9.54
CA PRO A 203 -33.51 -11.80 -8.98
C PRO A 203 -33.15 -11.39 -7.56
N THR A 204 -31.96 -11.79 -7.11
CA THR A 204 -31.49 -11.47 -5.77
C THR A 204 -31.39 -9.95 -5.55
N VAL A 205 -32.10 -9.43 -4.55
CA VAL A 205 -32.07 -8.02 -4.20
C VAL A 205 -31.12 -7.82 -3.01
N HIS A 206 -30.13 -6.93 -3.16
CA HIS A 206 -29.29 -6.58 -2.02
C HIS A 206 -29.03 -5.08 -1.93
N MET A 207 -28.99 -4.55 -0.71
CA MET A 207 -28.71 -3.14 -0.55
C MET A 207 -27.86 -2.80 0.68
N CYS A 208 -27.83 -3.63 1.73
CA CYS A 208 -27.15 -3.26 2.97
C CYS A 208 -25.66 -3.52 2.90
N ASN A 209 -24.89 -2.51 3.30
CA ASN A 209 -23.52 -2.64 3.77
C ASN A 209 -23.54 -3.01 5.25
N THR A 210 -22.38 -3.06 5.92
CA THR A 210 -22.37 -3.35 7.35
C THR A 210 -23.25 -2.39 8.12
N ALA A 211 -23.14 -1.09 7.85
CA ALA A 211 -23.88 -0.09 8.63
C ALA A 211 -25.38 -0.36 8.59
N ALA A 212 -25.93 -0.51 7.38
CA ALA A 212 -27.38 -0.70 7.26
C ALA A 212 -27.82 -2.06 7.76
N ALA A 213 -26.98 -3.10 7.61
CA ALA A 213 -27.33 -4.40 8.16
C ALA A 213 -27.52 -4.33 9.67
N ILE A 214 -26.72 -3.51 10.34
CA ILE A 214 -26.81 -3.37 11.80
C ILE A 214 -27.95 -2.43 12.18
N ALA A 215 -28.01 -1.26 11.56
CA ALA A 215 -28.99 -0.26 11.98
C ALA A 215 -30.35 -0.47 11.32
N PHE A 216 -30.39 -1.10 10.15
CA PHE A 216 -31.65 -1.36 9.46
C PHE A 216 -31.71 -2.82 8.97
N PRO A 217 -31.67 -3.80 9.89
CA PRO A 217 -31.68 -5.20 9.46
C PRO A 217 -32.90 -5.55 8.62
N GLU A 218 -33.99 -4.79 8.77
CA GLU A 218 -35.19 -4.96 7.98
C GLU A 218 -34.99 -4.62 6.50
N PHE A 219 -33.87 -4.00 6.14
CA PHE A 219 -33.56 -3.73 4.73
C PHE A 219 -32.78 -4.86 4.08
N SER A 220 -32.59 -5.99 4.78
CA SER A 220 -31.63 -6.99 4.34
C SER A 220 -32.07 -7.72 3.08
N ALA A 221 -33.37 -7.70 2.78
CA ALA A 221 -33.88 -8.26 1.54
C ALA A 221 -33.36 -9.67 1.34
N ASP A 222 -32.90 -9.99 0.12
CA ASP A 222 -32.40 -11.33 -0.17
C ASP A 222 -30.98 -11.54 0.32
N MET A 223 -30.18 -10.48 0.44
CA MET A 223 -28.76 -10.63 0.72
C MET A 223 -28.21 -9.28 1.19
N ILE A 224 -27.23 -9.34 2.10
CA ILE A 224 -26.48 -8.16 2.49
C ILE A 224 -25.04 -8.32 1.99
N ARG A 225 -24.32 -7.21 1.98
CA ARG A 225 -22.91 -7.19 1.64
C ARG A 225 -22.14 -6.83 2.90
N LEU A 226 -21.53 -7.83 3.52
CA LEU A 226 -20.80 -7.63 4.77
C LEU A 226 -19.33 -7.36 4.46
N GLY A 227 -18.90 -6.12 4.69
CA GLY A 227 -17.52 -5.74 4.50
C GLY A 227 -16.80 -5.53 5.82
N ILE A 228 -16.71 -4.26 6.22
CA ILE A 228 -15.89 -3.88 7.38
C ILE A 228 -16.22 -4.72 8.60
N GLY A 229 -17.50 -5.06 8.79
CA GLY A 229 -17.89 -5.82 9.96
C GLY A 229 -17.34 -7.23 9.99
N LEU A 230 -17.10 -7.81 8.82
CA LEU A 230 -16.50 -9.16 8.74
C LEU A 230 -15.15 -9.20 9.45
N TYR A 231 -14.38 -8.13 9.31
CA TYR A 231 -13.07 -8.00 9.93
C TYR A 231 -13.15 -7.51 11.38
N GLY A 232 -14.36 -7.44 11.94
CA GLY A 232 -14.52 -7.04 13.32
C GLY A 232 -14.38 -5.55 13.56
N LEU A 233 -14.61 -4.73 12.54
CA LEU A 233 -14.49 -3.29 12.66
C LEU A 233 -15.82 -2.65 12.30
N TYR A 234 -16.17 -1.55 13.01
CA TYR A 234 -17.45 -0.90 12.81
C TYR A 234 -17.35 0.17 11.73
N PRO A 235 -18.40 0.36 10.93
CA PRO A 235 -18.37 1.41 9.90
C PRO A 235 -18.29 2.83 10.46
N SER A 236 -18.70 3.06 11.71
CA SER A 236 -18.59 4.38 12.31
C SER A 236 -18.77 4.23 13.81
N ALA A 237 -18.28 5.22 14.55
CA ALA A 237 -18.45 5.23 15.99
C ALA A 237 -19.94 5.23 16.35
N TYR A 238 -20.76 5.94 15.58
CA TYR A 238 -22.19 5.98 15.86
C TYR A 238 -22.80 4.58 15.79
N ILE A 239 -22.45 3.81 14.76
CA ILE A 239 -22.97 2.45 14.63
C ILE A 239 -22.47 1.58 15.78
N LYS A 240 -21.18 1.70 16.13
CA LYS A 240 -20.66 0.94 17.26
C LYS A 240 -21.41 1.29 18.55
N GLN A 241 -21.64 2.59 18.78
CA GLN A 241 -22.27 3.02 20.01
C GLN A 241 -23.75 2.69 20.08
N LEU A 242 -24.35 2.17 19.01
CA LEU A 242 -25.69 1.59 19.10
C LEU A 242 -25.70 0.32 19.95
N ASN A 243 -24.55 -0.34 20.08
CA ASN A 243 -24.41 -1.54 20.91
C ASN A 243 -25.41 -2.63 20.51
N LEU A 244 -25.55 -2.87 19.21
CA LEU A 244 -26.51 -3.84 18.71
C LEU A 244 -25.87 -5.16 18.30
N VAL A 245 -24.60 -5.14 17.93
CA VAL A 245 -23.88 -6.32 17.47
C VAL A 245 -22.46 -6.24 18.01
N LYS A 246 -21.99 -7.32 18.61
CA LYS A 246 -20.63 -7.37 19.17
C LYS A 246 -19.68 -7.92 18.12
N LEU A 247 -18.74 -7.10 17.67
CA LEU A 247 -17.73 -7.50 16.70
C LEU A 247 -16.37 -7.57 17.39
N GLU A 248 -15.50 -8.45 16.87
CA GLU A 248 -14.17 -8.62 17.45
C GLU A 248 -13.10 -8.38 16.39
N PRO A 249 -12.17 -7.45 16.59
CA PRO A 249 -11.21 -7.13 15.52
C PRO A 249 -10.35 -8.34 15.16
N ALA A 250 -10.22 -8.60 13.87
CA ALA A 250 -9.48 -9.77 13.43
C ALA A 250 -7.99 -9.53 13.25
N LEU A 251 -7.56 -8.31 12.94
CA LEU A 251 -6.20 -8.04 12.51
C LEU A 251 -5.36 -7.46 13.63
N SER A 252 -4.16 -8.01 13.79
CA SER A 252 -3.10 -7.39 14.57
CA SER A 252 -3.09 -7.42 14.59
C SER A 252 -1.86 -7.26 13.70
N LEU A 253 -1.07 -6.22 13.98
CA LEU A 253 0.18 -5.95 13.26
C LEU A 253 1.31 -5.90 14.28
N LYS A 254 2.36 -6.69 14.05
CA LYS A 254 3.37 -6.93 15.06
C LYS A 254 4.76 -6.84 14.44
N ALA A 255 5.75 -6.69 15.30
CA ALA A 255 7.15 -6.73 14.88
C ALA A 255 8.00 -7.19 16.05
N ARG A 256 9.27 -7.47 15.77
CA ARG A 256 10.24 -7.73 16.82
C ARG A 256 11.30 -6.65 16.80
N ILE A 257 11.79 -6.30 17.99
CA ILE A 257 12.79 -5.24 18.09
C ILE A 257 14.05 -5.67 17.36
N ALA A 258 14.52 -4.84 16.43
CA ALA A 258 15.72 -5.11 15.66
C ALA A 258 16.99 -4.72 16.41
N TYR A 259 16.94 -3.64 17.20
CA TYR A 259 18.11 -3.19 17.94
C TYR A 259 17.64 -2.29 19.07
N VAL A 260 18.32 -2.39 20.21
CA VAL A 260 18.09 -1.56 21.40
C VAL A 260 19.42 -0.94 21.77
N LYS A 261 19.40 0.36 22.10
CA LYS A 261 20.63 1.04 22.46
C LYS A 261 20.33 2.19 23.43
N THR A 262 21.34 2.54 24.21
CA THR A 262 21.30 3.70 25.09
C THR A 262 22.08 4.84 24.44
N MET A 263 21.47 6.02 24.36
CA MET A 263 22.04 7.14 23.62
C MET A 263 23.12 7.85 24.45
N ARG A 264 24.17 7.09 24.76
CA ARG A 264 25.21 7.59 25.67
C ARG A 264 26.01 8.72 25.05
N THR A 265 26.36 8.63 23.77
CA THR A 265 27.29 9.56 23.16
C THR A 265 26.59 10.50 22.20
N GLU A 266 27.25 11.60 21.89
CA GLU A 266 26.72 12.61 20.97
C GLU A 266 27.13 12.30 19.54
N PRO A 267 26.27 12.67 18.57
CA PRO A 267 24.97 13.34 18.77
C PRO A 267 23.87 12.35 19.11
N ARG A 268 22.84 12.83 19.82
CA ARG A 268 21.72 12.00 20.22
C ARG A 268 20.49 12.25 19.36
N THR A 269 20.73 12.68 18.12
CA THR A 269 19.66 12.93 17.16
C THR A 269 19.02 11.62 16.70
N VAL A 270 17.71 11.63 16.49
CA VAL A 270 16.98 10.42 16.08
C VAL A 270 16.23 10.70 14.78
N SER A 271 16.60 9.94 13.74
CA SER A 271 15.90 9.82 12.46
C SER A 271 16.00 11.10 11.62
N TYR A 272 15.38 11.07 10.43
CA TYR A 272 15.53 12.17 9.48
C TYR A 272 15.06 13.49 10.07
N GLY A 273 15.74 14.57 9.69
CA GLY A 273 15.44 15.89 10.17
C GLY A 273 15.91 16.17 11.58
N ALA A 274 16.47 15.18 12.27
CA ALA A 274 16.91 15.31 13.66
C ALA A 274 15.82 15.97 14.51
N THR A 275 14.56 15.60 14.24
CA THR A 275 13.44 16.22 14.94
C THR A 275 13.28 15.74 16.37
N TYR A 276 14.12 14.82 16.83
CA TYR A 276 14.05 14.26 18.17
C TYR A 276 15.46 14.13 18.72
N ILE A 277 15.68 14.62 19.94
CA ILE A 277 16.98 14.53 20.60
C ILE A 277 16.81 13.73 21.88
N ALA A 278 17.53 12.61 21.97
CA ALA A 278 17.37 11.72 23.11
C ALA A 278 18.23 12.16 24.29
N GLU A 279 17.79 11.79 25.49
CA GLU A 279 18.56 11.98 26.70
C GLU A 279 19.72 10.99 26.74
N PRO A 280 20.79 11.30 27.50
CA PRO A 280 21.96 10.41 27.51
C PRO A 280 21.69 9.03 28.08
N ASN A 281 20.66 8.87 28.91
CA ASN A 281 20.29 7.56 29.43
C ASN A 281 18.99 7.06 28.83
N GLU A 282 18.53 7.65 27.73
CA GLU A 282 17.31 7.22 27.10
C GLU A 282 17.57 6.02 26.21
N VAL A 283 16.61 5.10 26.18
CA VAL A 283 16.74 3.86 25.41
C VAL A 283 15.88 3.99 24.16
N ILE A 284 16.51 3.79 23.00
CA ILE A 284 15.85 3.84 21.70
C ILE A 284 15.81 2.43 21.11
N ALA A 285 14.62 1.99 20.73
CA ALA A 285 14.41 0.70 20.09
C ALA A 285 14.05 0.94 18.62
N THR A 286 14.68 0.18 17.72
CA THR A 286 14.44 0.31 16.29
C THR A 286 13.60 -0.87 15.80
N LEU A 287 12.54 -0.56 15.05
CA LEU A 287 11.54 -1.54 14.66
C LEU A 287 11.43 -1.60 13.14
N PRO A 288 11.29 -2.86 12.52
CA PRO A 288 11.32 -3.00 11.05
C PRO A 288 9.95 -2.79 10.40
N ILE A 289 9.38 -1.61 10.61
CA ILE A 289 8.21 -1.18 9.87
C ILE A 289 8.36 0.29 9.53
N GLY A 290 7.85 0.69 8.36
CA GLY A 290 7.94 2.08 7.94
C GLY A 290 6.81 2.48 7.02
N TYR A 291 6.86 3.69 6.46
CA TYR A 291 5.69 4.14 5.70
C TYR A 291 5.48 3.33 4.41
N ALA A 292 6.51 2.67 3.87
CA ALA A 292 6.26 1.82 2.70
C ALA A 292 5.50 0.56 3.05
N ASP A 293 5.42 0.23 4.34
CA ASP A 293 4.51 -0.84 4.74
C ASP A 293 3.07 -0.38 4.89
N GLY A 294 2.80 0.93 4.86
CA GLY A 294 1.49 1.43 5.20
C GLY A 294 1.37 2.07 6.56
N TYR A 295 2.47 2.15 7.31
CA TYR A 295 2.49 2.83 8.61
C TYR A 295 2.71 4.31 8.34
N SER A 296 1.64 5.11 8.40
CA SER A 296 1.66 6.48 7.89
C SER A 296 2.82 7.29 8.45
N ARG A 297 3.53 7.99 7.55
CA ARG A 297 4.56 8.93 7.96
C ARG A 297 4.02 10.01 8.88
N ALA A 298 2.72 10.30 8.80
CA ALA A 298 2.09 11.27 9.68
C ALA A 298 2.11 10.84 11.15
N LEU A 299 2.50 9.60 11.45
CA LEU A 299 2.69 9.16 12.82
C LEU A 299 4.08 9.51 13.36
N SER A 300 4.92 10.20 12.57
CA SER A 300 6.20 10.70 13.07
C SER A 300 5.96 11.55 14.31
N ASN A 301 6.69 11.24 15.38
CA ASN A 301 6.59 11.96 16.65
C ASN A 301 5.18 11.95 17.24
N ARG A 302 4.33 11.00 16.82
CA ARG A 302 2.92 10.98 17.24
C ARG A 302 2.42 9.58 17.60
N GLY A 303 2.83 8.56 16.83
CA GLY A 303 2.35 7.20 17.06
C GLY A 303 2.87 6.56 18.33
N PHE A 304 2.22 5.45 18.69
CA PHE A 304 2.53 4.60 19.83
C PHE A 304 2.55 3.14 19.38
N VAL A 305 3.39 2.34 20.01
CA VAL A 305 3.34 0.88 19.88
C VAL A 305 3.32 0.30 21.29
N LEU A 306 2.98 -0.99 21.37
CA LEU A 306 2.91 -1.67 22.66
C LEU A 306 4.14 -2.54 22.85
N HIS A 307 4.80 -2.37 23.99
CA HIS A 307 5.96 -3.17 24.36
C HIS A 307 5.84 -3.52 25.83
N ARG A 308 5.83 -4.82 26.13
CA ARG A 308 5.65 -5.33 27.48
C ARG A 308 4.41 -4.73 28.12
N GLY A 309 3.33 -4.64 27.35
CA GLY A 309 2.06 -4.15 27.85
C GLY A 309 1.98 -2.66 28.08
N LYS A 310 2.96 -1.88 27.60
CA LYS A 310 3.01 -0.44 27.79
C LYS A 310 3.08 0.27 26.44
N ARG A 311 2.38 1.42 26.36
CA ARG A 311 2.49 2.27 25.17
C ARG A 311 3.82 2.99 25.17
N VAL A 312 4.59 2.85 24.09
CA VAL A 312 5.83 3.60 23.95
C VAL A 312 5.77 4.45 22.68
N PRO A 313 6.29 5.66 22.69
CA PRO A 313 6.06 6.59 21.58
C PRO A 313 7.07 6.46 20.44
N VAL A 314 6.57 6.69 19.22
CA VAL A 314 7.45 6.89 18.09
C VAL A 314 8.32 8.11 18.36
N ALA A 315 9.63 7.97 18.15
CA ALA A 315 10.58 9.05 18.37
C ALA A 315 11.19 9.44 17.03
N GLY A 316 10.98 10.70 16.64
CA GLY A 316 11.47 11.20 15.37
C GLY A 316 10.58 10.79 14.20
N ARG A 317 11.14 10.90 13.00
CA ARG A 317 10.37 10.68 11.79
C ARG A 317 10.24 9.19 11.48
N VAL A 318 9.07 8.80 10.97
CA VAL A 318 8.90 7.50 10.35
C VAL A 318 9.74 7.45 9.07
N THR A 319 10.51 6.38 8.89
CA THR A 319 11.25 6.24 7.63
C THR A 319 10.57 5.16 6.79
N MET A 320 11.16 4.88 5.61
CA MET A 320 10.47 4.02 4.65
C MET A 320 10.29 2.61 5.18
N ASP A 321 11.30 2.06 5.88
CA ASP A 321 11.25 0.67 6.33
C ASP A 321 11.40 0.50 7.84
N MET A 322 11.57 1.57 8.60
CA MET A 322 11.92 1.45 10.01
C MET A 322 11.32 2.61 10.78
N ILE A 323 11.04 2.36 12.07
CA ILE A 323 10.71 3.43 13.00
C ILE A 323 11.56 3.21 14.24
N MET A 324 11.66 4.26 15.03
CA MET A 324 12.35 4.18 16.31
C MET A 324 11.38 4.64 17.39
N VAL A 325 11.35 3.91 18.50
CA VAL A 325 10.49 4.26 19.63
C VAL A 325 11.36 4.39 20.87
N SER A 326 10.90 5.20 21.81
CA SER A 326 11.63 5.46 23.04
C SER A 326 11.09 4.56 24.14
N LEU A 327 11.96 3.74 24.71
CA LEU A 327 11.63 2.96 25.89
C LEU A 327 11.85 3.76 27.17
N GLY A 328 12.13 5.05 27.05
CA GLY A 328 12.23 5.93 28.19
C GLY A 328 13.62 5.93 28.81
N GLU A 329 13.75 6.78 29.82
CA GLU A 329 14.97 6.83 30.62
C GLU A 329 15.19 5.48 31.31
N ASN A 330 16.38 4.91 31.10
CA ASN A 330 16.76 3.61 31.69
C ASN A 330 15.79 2.49 31.31
N GLY A 331 15.11 2.63 30.16
CA GLY A 331 14.07 1.69 29.82
C GLY A 331 14.61 0.29 29.60
N GLU A 332 13.76 -0.70 29.85
CA GLU A 332 14.15 -2.10 29.73
C GLU A 332 13.56 -2.69 28.46
N GLY A 333 14.42 -3.34 27.66
CA GLY A 333 13.98 -3.99 26.44
C GLY A 333 15.16 -4.66 25.79
N LYS A 334 14.85 -5.66 24.95
CA LYS A 334 15.87 -6.49 24.34
C LYS A 334 15.58 -6.68 22.86
N GLN A 335 16.64 -6.70 22.05
CA GLN A 335 16.52 -7.16 20.69
C GLN A 335 15.75 -8.48 20.64
N GLY A 336 14.75 -8.53 19.76
CA GLY A 336 13.91 -9.70 19.65
C GLY A 336 12.63 -9.66 20.45
N ASP A 337 12.45 -8.70 21.35
CA ASP A 337 11.19 -8.53 22.04
C ASP A 337 10.06 -8.27 21.04
N GLU A 338 8.89 -8.85 21.31
CA GLU A 338 7.74 -8.66 20.44
C GLU A 338 7.02 -7.35 20.77
N VAL A 339 6.70 -6.59 19.73
CA VAL A 339 5.99 -5.33 19.87
C VAL A 339 4.68 -5.44 19.08
N VAL A 340 3.61 -4.86 19.61
CA VAL A 340 2.32 -4.83 18.90
C VAL A 340 2.10 -3.42 18.36
N ILE A 341 1.92 -3.31 17.05
CA ILE A 341 1.76 -2.02 16.39
C ILE A 341 0.29 -1.64 16.29
N TYR A 342 -0.53 -2.56 15.80
CA TYR A 342 -1.99 -2.48 15.89
C TYR A 342 -2.45 -3.72 16.65
N GLY A 343 -3.25 -3.53 17.71
CA GLY A 343 -3.83 -4.67 18.37
C GLY A 343 -3.61 -4.63 19.87
N LYS A 344 -3.64 -5.81 20.49
CA LYS A 344 -3.66 -5.95 21.95
C LYS A 344 -2.39 -6.62 22.45
N GLN A 345 -1.96 -6.22 23.63
CA GLN A 345 -0.81 -6.85 24.30
C GLN A 345 -0.98 -6.68 25.79
N LYS A 346 -0.96 -7.80 26.52
CA LYS A 346 -1.34 -7.84 27.93
C LYS A 346 -2.69 -7.16 28.12
N GLY A 347 -2.72 -6.08 28.88
CA GLY A 347 -3.95 -5.35 29.05
C GLY A 347 -4.10 -4.14 28.16
N ALA A 348 -3.10 -3.86 27.31
CA ALA A 348 -3.07 -2.65 26.51
C ALA A 348 -3.58 -2.93 25.11
N GLU A 349 -3.95 -1.85 24.42
CA GLU A 349 -4.46 -1.99 23.05
C GLU A 349 -4.24 -0.70 22.29
N ILE A 350 -3.80 -0.85 21.04
CA ILE A 350 -3.77 0.26 20.08
C ILE A 350 -4.62 -0.21 18.91
N SER A 351 -5.90 0.15 18.94
CA SER A 351 -6.83 -0.31 17.91
C SER A 351 -6.59 0.45 16.61
N VAL A 352 -6.98 -0.21 15.51
CA VAL A 352 -7.01 0.43 14.20
C VAL A 352 -7.87 1.68 14.23
N ASP A 353 -8.96 1.66 15.02
CA ASP A 353 -9.82 2.84 15.15
C ASP A 353 -9.07 4.02 15.76
N GLU A 354 -8.25 3.77 16.77
CA GLU A 354 -7.51 4.86 17.39
C GLU A 354 -6.46 5.43 16.43
N VAL A 355 -5.80 4.55 15.67
CA VAL A 355 -4.85 5.02 14.66
C VAL A 355 -5.55 5.89 13.62
N ALA A 356 -6.73 5.44 13.16
CA ALA A 356 -7.49 6.20 12.17
C ALA A 356 -7.87 7.59 12.68
N GLU A 357 -8.26 7.71 13.95
CA GLU A 357 -8.68 9.00 14.47
C GLU A 357 -7.50 9.98 14.55
N MET A 358 -6.35 9.50 15.01
CA MET A 358 -5.14 10.31 15.00
C MET A 358 -4.85 10.87 13.62
N LEU A 359 -5.08 10.08 12.57
CA LEU A 359 -4.75 10.41 11.18
C LEU A 359 -5.90 11.08 10.44
N ASN A 360 -6.98 11.47 11.13
CA ASN A 360 -8.20 12.01 10.51
C ASN A 360 -8.67 11.17 9.33
N THR A 361 -8.70 9.86 9.51
CA THR A 361 -9.23 8.99 8.45
C THR A 361 -10.14 7.96 9.09
N ILE A 362 -10.36 6.84 8.40
CA ILE A 362 -11.28 5.81 8.84
C ILE A 362 -10.55 4.47 8.90
N ASN A 363 -11.10 3.56 9.71
CA ASN A 363 -10.43 2.27 9.91
C ASN A 363 -10.29 1.51 8.59
N TYR A 364 -11.29 1.63 7.69
CA TYR A 364 -11.18 1.05 6.34
C TYR A 364 -9.82 1.33 5.70
N GLU A 365 -9.37 2.59 5.78
CA GLU A 365 -8.13 2.95 5.08
C GLU A 365 -6.92 2.38 5.80
N VAL A 366 -6.92 2.41 7.13
CA VAL A 366 -5.75 1.92 7.86
C VAL A 366 -5.45 0.46 7.50
N VAL A 367 -6.47 -0.40 7.46
CA VAL A 367 -6.20 -1.81 7.20
C VAL A 367 -5.97 -2.05 5.71
N SER A 368 -6.74 -1.42 4.83
CA SER A 368 -6.65 -1.76 3.42
C SER A 368 -5.41 -1.20 2.75
N THR A 369 -4.63 -0.38 3.44
CA THR A 369 -3.35 0.10 2.91
C THR A 369 -2.16 -0.65 3.48
N LEU A 370 -2.37 -1.78 4.15
CA LEU A 370 -1.23 -2.54 4.65
C LEU A 370 -0.56 -3.27 3.49
N SER A 371 0.73 -3.01 3.31
CA SER A 371 1.44 -3.46 2.13
C SER A 371 1.49 -4.98 2.05
N ARG A 372 1.48 -5.48 0.82
CA ARG A 372 1.62 -6.92 0.62
C ARG A 372 3.01 -7.45 0.94
N ARG A 373 4.01 -6.59 1.15
CA ARG A 373 5.30 -7.13 1.57
C ARG A 373 5.31 -7.54 3.04
N ILE A 374 4.27 -7.21 3.80
CA ILE A 374 4.10 -7.76 5.16
C ILE A 374 3.48 -9.16 5.04
N PRO A 375 4.14 -10.20 5.56
CA PRO A 375 3.52 -11.54 5.52
C PRO A 375 2.34 -11.62 6.46
N ARG A 376 1.31 -12.36 6.05
CA ARG A 376 0.11 -12.54 6.84
C ARG A 376 0.03 -13.96 7.38
N PHE A 377 -0.17 -14.07 8.68
CA PHE A 377 -0.38 -15.35 9.37
C PHE A 377 -1.81 -15.42 9.86
N TYR A 378 -2.39 -16.62 9.82
CA TYR A 378 -3.81 -16.83 10.12
C TYR A 378 -3.96 -17.74 11.32
N ILE A 379 -4.84 -17.37 12.24
CA ILE A 379 -5.14 -18.15 13.44
C ILE A 379 -6.53 -18.76 13.27
N ARG A 380 -6.60 -20.07 13.40
CA ARG A 380 -7.85 -20.79 13.27
C ARG A 380 -7.87 -21.89 14.31
N ASP A 381 -8.97 -21.97 15.07
CA ASP A 381 -9.06 -22.87 16.22
C ASP A 381 -7.86 -22.66 17.15
N GLY A 382 -7.52 -21.40 17.40
CA GLY A 382 -6.51 -21.03 18.36
C GLY A 382 -5.07 -21.30 17.97
N GLU A 383 -4.80 -21.73 16.73
CA GLU A 383 -3.44 -22.03 16.30
C GLU A 383 -3.15 -21.35 14.97
N ILE A 384 -1.87 -20.98 14.78
CA ILE A 384 -1.44 -20.25 13.59
C ILE A 384 -1.20 -21.20 12.42
N PHE A 385 -1.27 -20.66 11.20
CA PHE A 385 -0.84 -21.38 9.99
C PHE A 385 -0.51 -20.37 8.88
N LYS A 386 -0.28 -20.89 7.68
CA LYS A 386 0.25 -20.17 6.51
C LYS A 386 -0.23 -18.73 6.34
N MET B 1 -3.28 -0.18 -27.73
CA MET B 1 -3.59 0.45 -26.46
C MET B 1 -3.79 -0.62 -25.37
N ILE B 2 -3.67 -0.19 -24.12
CA ILE B 2 -3.61 -1.10 -22.98
C ILE B 2 -4.99 -1.70 -22.72
N LYS B 3 -5.01 -3.01 -22.41
CA LYS B 3 -6.23 -3.77 -22.20
C LYS B 3 -6.27 -4.29 -20.76
N LEU B 4 -7.14 -3.69 -19.95
CA LEU B 4 -7.28 -4.03 -18.54
C LEU B 4 -8.75 -4.22 -18.22
N CYS B 5 -9.03 -5.07 -17.23
CA CYS B 5 -10.39 -5.21 -16.73
C CYS B 5 -10.75 -4.01 -15.85
N ARG B 6 -9.90 -3.73 -14.88
CA ARG B 6 -9.97 -2.50 -14.09
C ARG B 6 -8.91 -1.56 -14.64
N GLU B 7 -9.35 -0.42 -15.18
CA GLU B 7 -8.51 0.41 -16.04
C GLU B 7 -7.79 1.49 -15.22
N VAL B 8 -6.88 1.03 -14.36
CA VAL B 8 -5.92 1.90 -13.67
C VAL B 8 -4.54 1.26 -13.82
N TRP B 9 -3.52 2.08 -14.07
CA TRP B 9 -2.18 1.52 -14.28
C TRP B 9 -1.11 2.57 -14.00
N ILE B 10 0.12 2.08 -13.86
CA ILE B 10 1.30 2.91 -13.68
C ILE B 10 2.16 2.79 -14.93
N GLU B 11 2.75 3.91 -15.38
CA GLU B 11 3.76 3.89 -16.43
C GLU B 11 5.08 4.37 -15.83
N VAL B 12 6.10 3.52 -15.90
CA VAL B 12 7.45 3.85 -15.47
C VAL B 12 8.30 4.05 -16.70
N ASN B 13 8.86 5.24 -16.84
CA ASN B 13 9.63 5.61 -18.01
C ASN B 13 11.09 5.30 -17.72
N LEU B 14 11.61 4.22 -18.30
CA LEU B 14 12.98 3.82 -18.03
C LEU B 14 13.98 4.71 -18.77
N ASP B 15 13.55 5.41 -19.82
CA ASP B 15 14.44 6.40 -20.44
C ASP B 15 14.76 7.52 -19.46
N ALA B 16 13.76 7.94 -18.66
CA ALA B 16 14.02 8.95 -17.63
C ALA B 16 14.96 8.41 -16.56
N VAL B 17 14.73 7.17 -16.11
CA VAL B 17 15.62 6.53 -15.14
C VAL B 17 17.06 6.54 -15.64
N LYS B 18 17.27 6.18 -16.91
CA LYS B 18 18.61 6.24 -17.49
C LYS B 18 19.18 7.65 -17.44
N LYS B 19 18.37 8.64 -17.82
CA LYS B 19 18.81 10.03 -17.78
C LYS B 19 19.13 10.48 -16.35
N ASN B 20 18.34 10.02 -15.37
CA ASN B 20 18.61 10.35 -13.98
C ASN B 20 19.93 9.74 -13.51
N LEU B 21 20.17 8.47 -13.82
CA LEU B 21 21.45 7.85 -13.48
C LEU B 21 22.63 8.57 -14.13
N ARG B 22 22.44 8.97 -15.39
CA ARG B 22 23.50 9.65 -16.11
C ARG B 22 23.81 11.00 -15.46
N ALA B 23 22.78 11.72 -15.00
CA ALA B 23 22.99 13.03 -14.41
C ALA B 23 23.72 12.92 -13.08
N ILE B 24 23.41 11.89 -12.28
CA ILE B 24 24.15 11.70 -11.05
C ILE B 24 25.58 11.25 -11.34
N ARG B 25 25.74 10.30 -12.26
CA ARG B 25 27.09 9.86 -12.63
C ARG B 25 27.95 11.02 -13.11
N ARG B 26 27.37 11.93 -13.91
CA ARG B 26 28.16 13.03 -14.44
C ARG B 26 28.51 14.07 -13.38
N HIS B 27 27.81 14.07 -12.24
CA HIS B 27 27.98 15.03 -11.17
C HIS B 27 28.99 14.58 -10.10
N ILE B 28 29.04 13.29 -9.80
CA ILE B 28 29.87 12.77 -8.70
C ILE B 28 31.23 12.38 -9.26
N PRO B 29 32.26 12.18 -8.42
CA PRO B 29 33.59 11.85 -8.95
C PRO B 29 33.56 10.60 -9.82
N HIS B 30 34.39 10.63 -10.86
CA HIS B 30 34.46 9.53 -11.82
C HIS B 30 34.71 8.18 -11.13
N LYS B 31 35.54 8.18 -10.07
CA LYS B 31 35.90 6.91 -9.44
C LYS B 31 34.77 6.30 -8.60
N SER B 32 33.75 7.06 -8.26
CA SER B 32 32.73 6.57 -7.33
C SER B 32 31.69 5.72 -8.06
N LYS B 33 31.39 4.55 -7.50
CA LYS B 33 30.35 3.69 -8.04
C LYS B 33 28.99 4.15 -7.56
N ILE B 34 27.95 3.58 -8.18
CA ILE B 34 26.57 3.89 -7.84
C ILE B 34 25.86 2.62 -7.41
N MET B 35 25.32 2.65 -6.20
CA MET B 35 24.44 1.60 -5.69
C MET B 35 23.01 2.10 -5.88
N ALA B 36 22.24 1.43 -6.73
CA ALA B 36 20.85 1.83 -6.95
C ALA B 36 19.98 1.26 -5.83
N VAL B 37 19.22 2.12 -5.17
CA VAL B 37 18.41 1.71 -4.02
C VAL B 37 17.03 1.35 -4.55
N VAL B 38 16.69 0.05 -4.52
CA VAL B 38 15.43 -0.43 -5.08
C VAL B 38 14.60 -1.11 -3.99
N LYS B 39 14.78 -0.69 -2.74
CA LYS B 39 13.95 -1.23 -1.67
C LYS B 39 12.49 -0.81 -1.87
N ALA B 40 11.59 -1.52 -1.18
CA ALA B 40 10.15 -1.22 -1.19
C ALA B 40 9.59 -1.26 -2.61
N ASN B 41 9.85 -2.38 -3.29
CA ASN B 41 9.41 -2.59 -4.67
C ASN B 41 9.89 -1.45 -5.58
N GLY B 42 11.17 -1.11 -5.45
CA GLY B 42 11.71 0.00 -6.23
C GLY B 42 10.97 1.31 -5.97
N TYR B 43 10.78 1.66 -4.70
CA TYR B 43 9.98 2.83 -4.32
C TYR B 43 8.64 2.81 -5.04
N GLY B 44 8.04 1.62 -5.12
CA GLY B 44 6.77 1.47 -5.80
C GLY B 44 6.82 1.49 -7.32
N HIS B 45 8.01 1.69 -7.93
CA HIS B 45 8.14 1.65 -9.38
C HIS B 45 8.30 0.24 -9.94
N GLY B 46 8.52 -0.76 -9.08
CA GLY B 46 8.88 -2.09 -9.53
C GLY B 46 10.37 -2.36 -9.43
N SER B 47 10.80 -3.16 -8.46
CA SER B 47 12.22 -3.30 -8.18
C SER B 47 12.96 -3.98 -9.32
N ILE B 48 12.35 -4.98 -9.95
CA ILE B 48 13.08 -5.81 -10.92
C ILE B 48 13.47 -5.00 -12.14
N GLU B 49 12.49 -4.35 -12.79
CA GLU B 49 12.83 -3.67 -14.03
C GLU B 49 13.60 -2.37 -13.79
N VAL B 50 13.45 -1.74 -12.62
CA VAL B 50 14.27 -0.58 -12.32
C VAL B 50 15.70 -1.00 -12.04
N ALA B 51 15.89 -2.09 -11.27
CA ALA B 51 17.23 -2.61 -11.00
C ALA B 51 17.93 -3.06 -12.28
N ARG B 52 17.23 -3.81 -13.12
CA ARG B 52 17.84 -4.27 -14.38
C ARG B 52 18.29 -3.08 -15.22
N HIS B 53 17.44 -2.05 -15.32
CA HIS B 53 17.80 -0.91 -16.15
C HIS B 53 18.96 -0.14 -15.54
N ALA B 54 18.94 0.07 -14.23
CA ALA B 54 20.01 0.82 -13.57
C ALA B 54 21.37 0.16 -13.78
N LEU B 55 21.41 -1.18 -13.70
CA LEU B 55 22.67 -1.90 -13.84
C LEU B 55 23.18 -1.86 -15.28
N GLU B 56 22.29 -1.72 -16.26
CA GLU B 56 22.70 -1.55 -17.64
C GLU B 56 23.28 -0.19 -17.91
N HIS B 57 22.94 0.82 -17.13
CA HIS B 57 23.22 2.20 -17.47
C HIS B 57 23.93 2.94 -16.34
N GLY B 58 24.82 2.28 -15.62
CA GLY B 58 25.64 3.02 -14.68
C GLY B 58 25.81 2.48 -13.28
N ALA B 59 24.81 1.78 -12.74
CA ALA B 59 24.93 1.31 -11.38
C ALA B 59 25.76 0.03 -11.35
N SER B 60 26.42 -0.19 -10.20
CA SER B 60 27.20 -1.41 -9.99
C SER B 60 26.57 -2.37 -9.01
N GLU B 61 25.80 -1.87 -8.04
CA GLU B 61 25.26 -2.68 -6.96
C GLU B 61 23.85 -2.21 -6.68
N LEU B 62 23.14 -2.96 -5.84
CA LEU B 62 21.76 -2.67 -5.47
C LEU B 62 21.62 -2.67 -3.96
N ALA B 63 20.64 -1.90 -3.46
CA ALA B 63 20.29 -1.96 -2.04
C ALA B 63 18.80 -2.26 -1.91
N VAL B 64 18.45 -3.05 -0.90
CA VAL B 64 17.08 -3.45 -0.62
C VAL B 64 16.85 -3.33 0.87
N ALA B 65 15.58 -3.53 1.27
CA ALA B 65 15.24 -3.45 2.69
C ALA B 65 15.31 -4.79 3.41
N SER B 66 15.36 -5.92 2.69
CA SER B 66 15.28 -7.22 3.35
C SER B 66 15.84 -8.30 2.44
N VAL B 67 16.17 -9.45 3.03
CA VAL B 67 16.60 -10.60 2.24
C VAL B 67 15.54 -10.96 1.20
N GLU B 68 14.27 -10.96 1.61
CA GLU B 68 13.21 -11.35 0.68
C GLU B 68 13.22 -10.46 -0.57
N GLU B 69 13.42 -9.14 -0.39
CA GLU B 69 13.53 -8.25 -1.54
C GLU B 69 14.74 -8.58 -2.40
N GLY B 70 15.84 -9.00 -1.78
CA GLY B 70 17.02 -9.34 -2.55
C GLY B 70 16.84 -10.63 -3.32
N ILE B 71 16.12 -11.60 -2.74
CA ILE B 71 15.88 -12.88 -3.41
C ILE B 71 14.97 -12.69 -4.63
N VAL B 72 14.01 -11.77 -4.54
CA VAL B 72 13.19 -11.48 -5.72
C VAL B 72 14.07 -11.06 -6.89
N LEU B 73 15.14 -10.30 -6.62
CA LEU B 73 16.03 -9.82 -7.66
C LEU B 73 16.91 -10.94 -8.22
N ARG B 74 17.46 -11.79 -7.35
CA ARG B 74 18.21 -12.95 -7.82
C ARG B 74 17.36 -13.83 -8.73
N LYS B 75 16.12 -14.10 -8.30
CA LYS B 75 15.22 -14.91 -9.12
C LYS B 75 14.88 -14.24 -10.44
N ALA B 76 15.10 -12.92 -10.55
CA ALA B 76 14.93 -12.27 -11.85
C ALA B 76 16.16 -12.41 -12.75
N GLY B 77 17.19 -13.13 -12.30
CA GLY B 77 18.41 -13.29 -13.08
C GLY B 77 19.51 -12.30 -12.78
N ILE B 78 19.39 -11.50 -11.73
CA ILE B 78 20.36 -10.44 -11.44
C ILE B 78 21.51 -11.01 -10.63
N THR B 79 22.74 -10.73 -11.06
CA THR B 79 23.93 -11.25 -10.39
C THR B 79 24.71 -10.19 -9.65
N ALA B 80 24.24 -8.94 -9.65
CA ALA B 80 24.98 -7.84 -9.06
C ALA B 80 24.96 -7.94 -7.54
N PRO B 81 25.92 -7.31 -6.85
CA PRO B 81 25.86 -7.23 -5.39
C PRO B 81 24.54 -6.64 -4.93
N ILE B 82 24.00 -7.18 -3.85
CA ILE B 82 22.73 -6.74 -3.28
C ILE B 82 22.92 -6.60 -1.77
N LEU B 83 22.78 -5.37 -1.26
CA LEU B 83 22.95 -5.08 0.17
C LEU B 83 21.58 -4.91 0.85
N VAL B 84 21.39 -5.60 1.97
CA VAL B 84 20.22 -5.39 2.83
C VAL B 84 20.55 -4.27 3.81
N LEU B 85 19.76 -3.18 3.76
CA LEU B 85 20.08 -1.98 4.53
C LEU B 85 19.60 -2.07 5.97
N GLY B 86 18.59 -2.88 6.26
CA GLY B 86 18.05 -3.01 7.60
C GLY B 86 18.63 -4.19 8.34
N PHE B 87 17.95 -4.57 9.42
CA PHE B 87 18.39 -5.67 10.26
C PHE B 87 17.88 -7.00 9.71
N THR B 88 18.76 -7.97 9.60
CA THR B 88 18.40 -9.33 9.20
C THR B 88 18.58 -10.27 10.38
N SER B 89 17.50 -10.96 10.75
CA SER B 89 17.55 -11.96 11.80
C SER B 89 18.56 -13.06 11.47
N LEU B 90 19.18 -13.59 12.52
CA LEU B 90 20.12 -14.70 12.33
C LEU B 90 19.45 -15.92 11.71
N SER B 91 18.11 -16.01 11.79
CA SER B 91 17.38 -17.12 11.15
C SER B 91 17.58 -17.17 9.64
N CYS B 92 18.01 -16.09 9.02
CA CYS B 92 18.14 -16.02 7.57
C CYS B 92 19.59 -15.93 7.10
N VAL B 93 20.55 -16.19 7.98
CA VAL B 93 21.94 -16.09 7.57
C VAL B 93 22.27 -17.18 6.55
N LYS B 94 21.83 -18.41 6.80
CA LYS B 94 22.05 -19.52 5.89
C LYS B 94 21.49 -19.21 4.50
N LYS B 95 20.23 -18.79 4.45
CA LYS B 95 19.60 -18.43 3.18
C LYS B 95 20.31 -17.27 2.49
N SER B 96 20.72 -16.24 3.25
CA SER B 96 21.36 -15.08 2.64
C SER B 96 22.68 -15.47 1.98
N ALA B 97 23.47 -16.30 2.67
CA ALA B 97 24.72 -16.79 2.09
C ALA B 97 24.47 -17.60 0.82
N ALA B 98 23.44 -18.43 0.81
CA ALA B 98 23.20 -19.28 -0.36
C ALA B 98 22.79 -18.46 -1.59
N TRP B 99 22.09 -17.35 -1.39
CA TRP B 99 21.66 -16.50 -2.49
C TRP B 99 22.64 -15.37 -2.78
N ASN B 100 23.79 -15.34 -2.10
CA ASN B 100 24.82 -14.32 -2.31
C ASN B 100 24.26 -12.92 -2.06
N ILE B 101 23.53 -12.79 -0.97
CA ILE B 101 22.96 -11.52 -0.55
C ILE B 101 23.84 -10.94 0.54
N THR B 102 24.17 -9.66 0.44
CA THR B 102 25.05 -9.00 1.39
C THR B 102 24.19 -8.40 2.50
N LEU B 103 24.59 -8.66 3.75
CA LEU B 103 23.84 -8.19 4.90
C LEU B 103 24.61 -7.09 5.63
N SER B 104 23.87 -6.16 6.21
N SER B 104 23.86 -6.15 6.19
CA SER B 104 24.45 -5.18 7.10
CA SER B 104 24.41 -5.18 7.11
C SER B 104 24.36 -5.68 8.53
C SER B 104 24.39 -5.76 8.52
N ALA B 105 25.43 -5.45 9.29
CA ALA B 105 25.48 -5.83 10.69
C ALA B 105 26.40 -4.85 11.42
N PHE B 106 26.37 -4.88 12.75
CA PHE B 106 27.18 -3.89 13.48
C PHE B 106 27.43 -4.28 14.93
N GLN B 107 27.27 -5.56 15.28
CA GLN B 107 27.41 -6.01 16.66
C GLN B 107 28.27 -7.26 16.69
N VAL B 108 29.14 -7.35 17.70
CA VAL B 108 30.06 -8.47 17.85
C VAL B 108 29.30 -9.78 17.91
N ASP B 109 28.29 -9.86 18.78
CA ASP B 109 27.56 -11.10 18.98
C ASP B 109 26.93 -11.59 17.68
N TRP B 110 26.30 -10.68 16.93
CA TRP B 110 25.67 -11.08 15.68
C TRP B 110 26.71 -11.69 14.73
N MET B 111 27.86 -11.03 14.59
CA MET B 111 28.93 -11.56 13.74
C MET B 111 29.35 -12.96 14.17
N LYS B 112 29.63 -13.13 15.47
CA LYS B 112 30.07 -14.44 15.96
C LYS B 112 28.98 -15.49 15.79
N GLU B 113 27.74 -15.13 16.12
CA GLU B 113 26.64 -16.09 16.02
C GLU B 113 26.36 -16.45 14.56
N ALA B 114 26.38 -15.47 13.65
CA ALA B 114 26.19 -15.78 12.24
C ALA B 114 27.26 -16.73 11.72
N ASN B 115 28.52 -16.47 12.09
CA ASN B 115 29.62 -17.36 11.71
C ASN B 115 29.36 -18.79 12.19
N GLU B 116 28.94 -18.95 13.45
CA GLU B 116 28.72 -20.29 14.00
C GLU B 116 27.60 -21.01 13.27
N ILE B 117 26.53 -20.29 12.93
CA ILE B 117 25.43 -20.86 12.15
C ILE B 117 25.96 -21.45 10.85
N LEU B 118 26.72 -20.65 10.09
CA LEU B 118 27.25 -21.10 8.81
C LEU B 118 28.26 -22.23 8.98
N GLU B 119 29.04 -22.19 10.06
CA GLU B 119 29.93 -23.29 10.39
C GLU B 119 29.17 -24.58 10.58
N LYS B 120 28.12 -24.55 11.43
CA LYS B 120 27.36 -25.75 11.71
C LYS B 120 26.72 -26.33 10.45
N GLU B 121 26.27 -25.45 9.56
CA GLU B 121 25.61 -25.86 8.33
C GLU B 121 26.57 -26.27 7.23
N ALA B 122 27.89 -26.20 7.47
CA ALA B 122 28.89 -26.46 6.44
C ALA B 122 28.58 -25.66 5.18
N SER B 123 28.34 -24.37 5.36
CA SER B 123 27.88 -23.52 4.28
C SER B 123 28.87 -23.53 3.12
N ALA B 124 28.34 -23.72 1.90
CA ALA B 124 29.19 -23.68 0.72
C ALA B 124 29.67 -22.26 0.43
N ASN B 125 28.86 -21.25 0.71
CA ASN B 125 29.18 -19.86 0.42
C ASN B 125 29.55 -19.10 1.69
N ARG B 126 30.48 -18.16 1.56
CA ARG B 126 30.68 -17.20 2.64
C ARG B 126 29.63 -16.08 2.54
N LEU B 127 29.37 -15.46 3.68
CA LEU B 127 28.35 -14.41 3.76
C LEU B 127 29.04 -13.05 3.74
N ALA B 128 28.69 -12.21 2.77
CA ALA B 128 29.24 -10.86 2.69
C ALA B 128 28.52 -9.94 3.66
N ILE B 129 29.27 -9.03 4.29
CA ILE B 129 28.80 -8.17 5.37
C ILE B 129 29.25 -6.73 5.10
N HIS B 130 28.34 -5.77 5.26
CA HIS B 130 28.72 -4.37 5.44
C HIS B 130 28.49 -3.96 6.89
N ILE B 131 29.39 -3.16 7.44
CA ILE B 131 29.24 -2.60 8.78
C ILE B 131 28.59 -1.23 8.69
N ASN B 132 27.50 -1.05 9.44
CA ASN B 132 26.82 0.24 9.57
C ASN B 132 27.41 0.98 10.76
N VAL B 133 27.91 2.19 10.52
CA VAL B 133 28.36 3.10 11.57
C VAL B 133 27.28 4.16 11.75
N ASP B 134 26.73 4.27 12.96
CA ASP B 134 25.70 5.26 13.27
C ASP B 134 26.41 6.52 13.74
N THR B 135 26.40 7.55 12.91
CA THR B 135 27.02 8.84 13.22
C THR B 135 25.99 9.93 13.52
N GLY B 136 24.69 9.61 13.55
CA GLY B 136 23.72 10.60 13.98
C GLY B 136 22.31 10.34 13.52
N MET B 137 22.14 9.33 12.66
CA MET B 137 20.78 8.93 12.28
C MET B 137 20.06 8.24 13.43
N GLY B 138 20.81 7.58 14.32
CA GLY B 138 20.21 6.98 15.51
C GLY B 138 19.29 5.80 15.23
N ARG B 139 19.46 5.14 14.09
CA ARG B 139 18.54 4.08 13.69
C ARG B 139 19.19 2.71 13.89
N LEU B 140 20.14 2.38 13.04
CA LEU B 140 20.97 1.19 13.21
C LEU B 140 22.43 1.60 13.15
N GLY B 141 23.30 0.76 13.71
CA GLY B 141 24.73 0.96 13.57
C GLY B 141 25.53 1.10 14.86
N VAL B 142 26.84 0.92 14.77
CA VAL B 142 27.73 1.02 15.92
C VAL B 142 28.12 2.48 16.08
N ARG B 143 28.23 2.93 17.34
CA ARG B 143 28.26 4.36 17.66
C ARG B 143 29.59 4.86 18.22
N THR B 144 30.50 3.98 18.64
CA THR B 144 31.80 4.42 19.16
C THR B 144 32.92 3.74 18.39
N LYS B 145 34.07 4.42 18.32
CA LYS B 145 35.18 3.84 17.57
C LYS B 145 35.78 2.64 18.29
N GLU B 146 35.70 2.59 19.62
CA GLU B 146 36.14 1.41 20.36
C GLU B 146 35.31 0.20 19.97
N GLU B 147 33.98 0.35 19.99
CA GLU B 147 33.12 -0.78 19.67
C GLU B 147 33.24 -1.15 18.21
N LEU B 148 33.36 -0.16 17.33
CA LEU B 148 33.59 -0.44 15.91
C LEU B 148 34.81 -1.35 15.73
N LEU B 149 35.91 -1.06 16.45
CA LEU B 149 37.10 -1.88 16.33
C LEU B 149 36.83 -3.32 16.75
N GLU B 150 36.04 -3.52 17.80
CA GLU B 150 35.71 -4.88 18.22
C GLU B 150 34.85 -5.58 17.17
N VAL B 151 33.92 -4.84 16.54
CA VAL B 151 33.07 -5.42 15.51
C VAL B 151 33.91 -5.85 14.31
N VAL B 152 34.83 -4.99 13.86
CA VAL B 152 35.74 -5.33 12.78
C VAL B 152 36.53 -6.60 13.11
N LYS B 153 37.08 -6.66 14.34
CA LYS B 153 37.87 -7.82 14.74
C LYS B 153 37.06 -9.10 14.72
N ALA B 154 35.82 -9.05 15.24
CA ALA B 154 34.98 -10.23 15.22
C ALA B 154 34.66 -10.65 13.79
N LEU B 155 34.37 -9.68 12.92
CA LEU B 155 34.11 -9.98 11.52
C LEU B 155 35.33 -10.63 10.87
N LYS B 156 36.52 -10.07 11.10
CA LYS B 156 37.73 -10.58 10.47
C LYS B 156 38.08 -11.98 10.96
N ALA B 157 37.86 -12.27 12.24
CA ALA B 157 38.12 -13.62 12.74
C ALA B 157 37.09 -14.64 12.29
N SER B 158 36.00 -14.21 11.66
CA SER B 158 34.92 -15.11 11.23
C SER B 158 35.21 -15.56 9.80
N LYS B 159 35.70 -16.80 9.66
CA LYS B 159 36.13 -17.27 8.35
C LYS B 159 34.96 -17.45 7.39
N PHE B 160 33.75 -17.65 7.91
CA PHE B 160 32.57 -17.79 7.07
C PHE B 160 31.91 -16.46 6.73
N LEU B 161 32.47 -15.34 7.18
CA LEU B 161 31.99 -14.01 6.83
C LEU B 161 33.03 -13.28 5.99
N ARG B 162 32.58 -12.29 5.23
CA ARG B 162 33.43 -11.58 4.28
C ARG B 162 33.09 -10.10 4.34
N TRP B 163 34.02 -9.27 4.82
CA TRP B 163 33.81 -7.83 4.96
C TRP B 163 33.92 -7.15 3.60
N THR B 164 32.83 -6.59 3.09
CA THR B 164 32.89 -5.96 1.78
C THR B 164 32.50 -4.48 1.77
N GLY B 165 32.10 -3.92 2.90
CA GLY B 165 31.77 -2.50 2.90
C GLY B 165 31.61 -1.95 4.31
N ILE B 166 31.59 -0.62 4.38
CA ILE B 166 31.34 0.08 5.64
C ILE B 166 30.67 1.40 5.28
N PHE B 167 29.61 1.75 6.01
CA PHE B 167 28.82 2.90 5.59
C PHE B 167 28.25 3.65 6.78
N THR B 168 27.72 4.84 6.49
CA THR B 168 26.88 5.60 7.42
C THR B 168 25.80 6.32 6.62
N HIS B 169 24.78 6.80 7.34
CA HIS B 169 23.63 7.47 6.74
C HIS B 169 23.50 8.89 7.31
N PHE B 170 23.37 9.87 6.42
CA PHE B 170 23.11 11.26 6.81
C PHE B 170 21.63 11.50 7.10
N SER B 171 21.35 12.20 8.19
CA SER B 171 19.96 12.40 8.58
C SER B 171 19.40 13.75 8.16
N THR B 172 20.26 14.72 7.80
CA THR B 172 19.79 16.05 7.41
C THR B 172 20.56 16.61 6.21
N ALA B 173 21.05 15.75 5.31
CA ALA B 173 21.83 16.23 4.18
C ALA B 173 20.98 16.98 3.15
N ASP B 174 19.66 16.93 3.29
CA ASP B 174 18.77 17.63 2.38
C ASP B 174 18.30 18.97 2.92
N GLU B 175 18.93 19.47 3.99
CA GLU B 175 18.46 20.70 4.62
C GLU B 175 19.44 21.86 4.41
N PRO B 176 18.94 23.10 4.49
CA PRO B 176 19.82 24.28 4.31
C PRO B 176 20.92 24.38 5.35
N ASP B 177 20.65 24.04 6.60
CA ASP B 177 21.68 24.09 7.64
C ASP B 177 22.51 22.82 7.54
N THR B 178 23.76 22.95 7.13
CA THR B 178 24.63 21.81 6.88
C THR B 178 25.43 21.37 8.11
N THR B 179 25.20 22.00 9.27
CA THR B 179 26.05 21.76 10.44
C THR B 179 26.10 20.27 10.80
N LEU B 180 24.93 19.64 10.95
CA LEU B 180 24.90 18.24 11.37
C LEU B 180 25.55 17.32 10.33
N THR B 181 25.30 17.58 9.05
CA THR B 181 25.90 16.73 8.01
C THR B 181 27.42 16.79 8.07
N LYS B 182 27.98 17.97 8.31
CA LYS B 182 29.44 18.07 8.39
C LYS B 182 29.98 17.39 9.64
N LEU B 183 29.24 17.48 10.75
CA LEU B 183 29.65 16.75 11.95
C LEU B 183 29.62 15.24 11.72
N GLN B 184 28.56 14.73 11.08
CA GLN B 184 28.48 13.30 10.79
C GLN B 184 29.65 12.86 9.90
N HIS B 185 29.93 13.63 8.85
CA HIS B 185 31.02 13.30 7.95
C HIS B 185 32.35 13.29 8.70
N GLU B 186 32.58 14.32 9.50
CA GLU B 186 33.78 14.39 10.31
C GLU B 186 33.90 13.18 11.24
N LYS B 187 32.79 12.76 11.85
CA LYS B 187 32.82 11.63 12.76
C LYS B 187 33.10 10.34 12.01
N PHE B 188 32.43 10.13 10.87
CA PHE B 188 32.66 8.94 10.07
C PHE B 188 34.12 8.82 9.68
N ILE B 189 34.71 9.92 9.19
CA ILE B 189 36.11 9.91 8.76
C ILE B 189 37.02 9.64 9.96
N SER B 190 36.69 10.21 11.12
CA SER B 190 37.48 9.92 12.32
C SER B 190 37.43 8.45 12.67
N PHE B 191 36.26 7.82 12.58
CA PHE B 191 36.17 6.39 12.87
C PHE B 191 37.00 5.59 11.87
N LEU B 192 36.93 5.93 10.59
CA LEU B 192 37.68 5.20 9.59
C LEU B 192 39.18 5.41 9.76
N SER B 193 39.58 6.63 10.14
CA SER B 193 41.00 6.88 10.40
C SER B 193 41.48 6.07 11.59
N PHE B 194 40.65 5.96 12.63
CA PHE B 194 40.99 5.12 13.78
C PHE B 194 41.31 3.69 13.34
N LEU B 195 40.48 3.12 12.46
CA LEU B 195 40.75 1.75 11.98
C LEU B 195 42.06 1.68 11.20
N LYS B 196 42.29 2.63 10.30
CA LYS B 196 43.52 2.62 9.52
C LYS B 196 44.75 2.74 10.42
N LYS B 197 44.64 3.57 11.47
CA LYS B 197 45.74 3.67 12.43
C LYS B 197 46.02 2.35 13.12
N GLN B 198 45.05 1.43 13.15
CA GLN B 198 45.30 0.09 13.65
C GLN B 198 45.82 -0.84 12.56
N GLY B 199 46.12 -0.31 11.37
CA GLY B 199 46.56 -1.13 10.28
C GLY B 199 45.46 -1.82 9.49
N ILE B 200 44.19 -1.50 9.76
CA ILE B 200 43.08 -2.17 9.09
C ILE B 200 42.91 -1.58 7.70
N GLU B 201 42.78 -2.44 6.69
CA GLU B 201 42.53 -1.99 5.33
C GLU B 201 41.03 -1.87 5.10
N LEU B 202 40.61 -0.76 4.52
CA LEU B 202 39.18 -0.59 4.50
C LEU B 202 38.58 -1.16 3.21
N PRO B 203 37.41 -1.77 3.30
CA PRO B 203 36.66 -2.10 2.10
C PRO B 203 35.93 -0.90 1.52
N THR B 204 34.94 -1.16 0.66
CA THR B 204 34.16 -0.10 0.01
C THR B 204 33.49 0.81 1.03
N VAL B 205 33.81 2.10 0.99
CA VAL B 205 33.27 3.10 1.90
C VAL B 205 32.17 3.87 1.19
N HIS B 206 30.96 3.88 1.76
CA HIS B 206 29.88 4.66 1.17
C HIS B 206 29.12 5.43 2.22
N MET B 207 28.74 6.67 1.91
CA MET B 207 27.96 7.46 2.86
C MET B 207 26.86 8.31 2.25
N CYS B 208 26.91 8.63 0.95
CA CYS B 208 25.95 9.58 0.38
C CYS B 208 24.63 8.91 -0.02
N ASN B 209 23.52 9.53 0.38
CA ASN B 209 22.21 9.34 -0.23
C ASN B 209 22.09 10.27 -1.44
N THR B 210 20.89 10.39 -2.04
CA THR B 210 20.71 11.33 -3.15
C THR B 210 21.06 12.76 -2.74
N ALA B 211 20.65 13.17 -1.54
CA ALA B 211 20.85 14.56 -1.12
C ALA B 211 22.33 14.91 -1.04
N ALA B 212 23.11 14.08 -0.34
CA ALA B 212 24.54 14.36 -0.19
C ALA B 212 25.29 14.16 -1.51
N ALA B 213 24.82 13.26 -2.37
CA ALA B 213 25.44 13.10 -3.67
C ALA B 213 25.34 14.39 -4.48
N ILE B 214 24.22 15.09 -4.40
CA ILE B 214 24.05 16.34 -5.14
C ILE B 214 24.75 17.49 -4.40
N ALA B 215 24.51 17.61 -3.10
CA ALA B 215 25.03 18.78 -2.36
C ALA B 215 26.47 18.63 -1.90
N PHE B 216 26.96 17.40 -1.72
CA PHE B 216 28.32 17.15 -1.25
C PHE B 216 28.98 16.04 -2.06
N PRO B 217 29.07 16.19 -3.38
CA PRO B 217 29.65 15.11 -4.20
C PRO B 217 31.05 14.71 -3.76
N GLU B 218 31.76 15.59 -3.04
CA GLU B 218 33.10 15.26 -2.55
C GLU B 218 33.09 14.20 -1.45
N PHE B 219 31.91 13.88 -0.88
CA PHE B 219 31.76 12.81 0.09
C PHE B 219 31.46 11.45 -0.57
N SER B 220 31.54 11.37 -1.91
CA SER B 220 31.11 10.17 -2.61
C SER B 220 31.99 8.96 -2.28
N ALA B 221 33.25 9.18 -1.92
CA ALA B 221 34.14 8.10 -1.45
C ALA B 221 34.14 6.99 -2.50
N ASP B 222 33.99 5.72 -2.13
CA ASP B 222 34.00 4.62 -3.09
C ASP B 222 32.68 4.44 -3.80
N MET B 223 31.57 4.88 -3.21
CA MET B 223 30.26 4.52 -3.72
C MET B 223 29.21 5.39 -3.04
N ILE B 224 28.15 5.70 -3.78
CA ILE B 224 27.00 6.40 -3.22
C ILE B 224 25.79 5.48 -3.31
N ARG B 225 24.74 5.83 -2.57
CA ARG B 225 23.48 5.08 -2.57
C ARG B 225 22.43 5.98 -3.20
N LEU B 226 22.12 5.75 -4.47
CA LEU B 226 21.17 6.59 -5.20
C LEU B 226 19.77 6.00 -5.05
N GLY B 227 18.92 6.70 -4.30
CA GLY B 227 17.56 6.27 -4.12
C GLY B 227 16.58 7.15 -4.88
N ILE B 228 16.01 8.14 -4.16
CA ILE B 228 14.92 8.95 -4.70
C ILE B 228 15.31 9.55 -6.05
N GLY B 229 16.58 9.95 -6.21
CA GLY B 229 17.01 10.59 -7.46
C GLY B 229 16.91 9.68 -8.67
N LEU B 230 17.16 8.39 -8.49
CA LEU B 230 17.01 7.42 -9.58
C LEU B 230 15.65 7.56 -10.25
N TYR B 231 14.60 7.76 -9.44
CA TYR B 231 13.23 7.87 -9.89
C TYR B 231 12.88 9.25 -10.42
N GLY B 232 13.86 10.15 -10.50
CA GLY B 232 13.60 11.48 -11.01
C GLY B 232 12.97 12.42 -10.01
N LEU B 233 13.13 12.16 -8.72
CA LEU B 233 12.50 12.94 -7.66
C LEU B 233 13.58 13.46 -6.72
N TYR B 234 13.43 14.68 -6.29
CA TYR B 234 14.44 15.26 -5.42
C TYR B 234 14.16 14.94 -3.96
N PRO B 235 15.22 14.83 -3.13
CA PRO B 235 15.00 14.54 -1.70
C PRO B 235 14.39 15.69 -0.91
N SER B 236 14.49 16.94 -1.38
CA SER B 236 13.80 18.06 -0.76
C SER B 236 13.72 19.20 -1.75
N ALA B 237 12.80 20.14 -1.49
CA ALA B 237 12.72 21.35 -2.30
C ALA B 237 14.05 22.08 -2.30
N TYR B 238 14.72 22.09 -1.16
CA TYR B 238 15.98 22.83 -1.06
C TYR B 238 17.02 22.26 -2.02
N ILE B 239 17.14 20.92 -2.06
CA ILE B 239 18.10 20.30 -2.96
C ILE B 239 17.74 20.57 -4.41
N LYS B 240 16.44 20.46 -4.73
CA LYS B 240 16.01 20.81 -6.08
C LYS B 240 16.38 22.24 -6.43
N GLN B 241 16.14 23.17 -5.52
CA GLN B 241 16.41 24.58 -5.81
C GLN B 241 17.90 24.89 -5.87
N LEU B 242 18.78 23.96 -5.50
CA LEU B 242 20.20 24.17 -5.76
C LEU B 242 20.50 24.19 -7.25
N ASN B 243 19.67 23.54 -8.08
CA ASN B 243 19.82 23.55 -9.54
C ASN B 243 21.19 23.01 -9.97
N LEU B 244 21.60 21.89 -9.38
CA LEU B 244 22.90 21.28 -9.68
C LEU B 244 22.81 20.05 -10.56
N VAL B 245 21.66 19.37 -10.59
CA VAL B 245 21.44 18.14 -11.35
C VAL B 245 20.00 18.15 -11.82
N LYS B 246 19.79 17.84 -13.09
CA LYS B 246 18.46 17.84 -13.69
C LYS B 246 17.91 16.43 -13.68
N LEU B 247 16.82 16.21 -12.93
CA LEU B 247 16.17 14.92 -12.82
C LEU B 247 14.83 14.94 -13.53
N GLU B 248 14.46 13.79 -14.07
CA GLU B 248 13.20 13.65 -14.81
CA GLU B 248 13.20 13.64 -14.81
C GLU B 248 12.31 12.62 -14.11
N PRO B 249 11.11 12.99 -13.65
CA PRO B 249 10.27 12.02 -12.93
C PRO B 249 9.91 10.84 -13.82
N ALA B 250 10.12 9.62 -13.30
CA ALA B 250 9.90 8.41 -14.06
C ALA B 250 8.47 7.86 -13.98
N LEU B 251 7.74 8.13 -12.91
CA LEU B 251 6.46 7.47 -12.68
C LEU B 251 5.29 8.37 -13.05
N SER B 252 4.33 7.79 -13.77
CA SER B 252 3.01 8.38 -13.97
CA SER B 252 3.01 8.38 -13.96
C SER B 252 1.96 7.38 -13.54
N LEU B 253 0.81 7.88 -13.11
CA LEU B 253 -0.31 7.04 -12.67
C LEU B 253 -1.53 7.47 -13.45
N LYS B 254 -2.16 6.52 -14.16
CA LYS B 254 -3.23 6.84 -15.09
C LYS B 254 -4.45 5.95 -14.86
N ALA B 255 -5.57 6.37 -15.43
CA ALA B 255 -6.78 5.56 -15.48
C ALA B 255 -7.61 5.99 -16.68
N ARG B 256 -8.66 5.22 -16.96
CA ARG B 256 -9.66 5.57 -17.96
C ARG B 256 -11.00 5.77 -17.26
N ILE B 257 -11.78 6.74 -17.74
CA ILE B 257 -13.09 6.99 -17.14
C ILE B 257 -13.97 5.77 -17.26
N ALA B 258 -14.55 5.34 -16.13
CA ALA B 258 -15.41 4.18 -16.09
C ALA B 258 -16.86 4.51 -16.44
N TYR B 259 -17.30 5.73 -16.12
CA TYR B 259 -18.67 6.14 -16.40
C TYR B 259 -18.76 7.66 -16.31
N VAL B 260 -19.65 8.25 -17.12
CA VAL B 260 -19.91 9.68 -17.19
C VAL B 260 -21.41 9.90 -17.11
N LYS B 261 -21.84 10.85 -16.27
CA LYS B 261 -23.26 11.12 -16.15
C LYS B 261 -23.50 12.59 -15.84
N THR B 262 -24.67 13.08 -16.25
CA THR B 262 -25.15 14.40 -15.87
C THR B 262 -26.11 14.23 -14.70
N MET B 263 -25.97 15.08 -13.68
CA MET B 263 -26.70 14.87 -12.43
C MET B 263 -28.10 15.48 -12.52
N ARG B 264 -28.87 14.95 -13.48
CA ARG B 264 -30.14 15.58 -13.83
C ARG B 264 -31.23 15.34 -12.78
N THR B 265 -31.29 14.14 -12.23
CA THR B 265 -32.33 13.83 -11.24
C THR B 265 -31.76 13.88 -9.82
N GLU B 266 -32.67 14.05 -8.87
CA GLU B 266 -32.33 14.12 -7.45
C GLU B 266 -32.43 12.74 -6.80
N PRO B 267 -31.67 12.50 -5.71
CA PRO B 267 -30.68 13.38 -5.09
C PRO B 267 -29.41 13.53 -5.91
N ARG B 268 -28.75 14.68 -5.79
CA ARG B 268 -27.50 14.94 -6.48
C ARG B 268 -26.27 14.80 -5.58
N THR B 269 -26.42 14.02 -4.50
CA THR B 269 -25.34 13.76 -3.56
C THR B 269 -24.27 12.86 -4.20
N VAL B 270 -23.01 13.10 -3.87
CA VAL B 270 -21.91 12.36 -4.49
C VAL B 270 -21.05 11.73 -3.40
N SER B 271 -20.99 10.40 -3.40
CA SER B 271 -20.07 9.59 -2.60
C SER B 271 -20.40 9.64 -1.10
N TYR B 272 -19.60 8.95 -0.29
CA TYR B 272 -19.95 8.73 1.10
C TYR B 272 -20.08 10.06 1.85
N GLY B 273 -20.93 10.06 2.88
CA GLY B 273 -21.16 11.24 3.66
C GLY B 273 -21.98 12.31 2.95
N ALA B 274 -22.25 12.15 1.65
CA ALA B 274 -22.98 13.15 0.88
C ALA B 274 -22.35 14.53 1.03
N THR B 275 -21.00 14.57 1.05
CA THR B 275 -20.28 15.81 1.29
C THR B 275 -20.22 16.71 0.06
N TYR B 276 -20.75 16.27 -1.07
CA TYR B 276 -20.71 17.05 -2.30
C TYR B 276 -22.07 16.95 -2.98
N ILE B 277 -22.63 18.07 -3.40
CA ILE B 277 -23.92 18.09 -4.06
C ILE B 277 -23.74 18.74 -5.42
N ALA B 278 -24.05 17.99 -6.47
CA ALA B 278 -23.81 18.47 -7.83
C ALA B 278 -24.99 19.31 -8.33
N GLU B 279 -24.69 20.19 -9.30
CA GLU B 279 -25.69 20.97 -9.99
C GLU B 279 -26.49 20.08 -10.95
N PRO B 280 -27.72 20.49 -11.29
CA PRO B 280 -28.55 19.65 -12.17
C PRO B 280 -27.94 19.38 -13.54
N ASN B 281 -27.08 20.27 -14.05
CA ASN B 281 -26.40 20.05 -15.33
C ASN B 281 -24.92 19.73 -15.18
N GLU B 282 -24.46 19.42 -13.96
CA GLU B 282 -23.06 19.10 -13.75
C GLU B 282 -22.76 17.66 -14.15
N VAL B 283 -21.60 17.47 -14.79
CA VAL B 283 -21.17 16.18 -15.32
C VAL B 283 -20.17 15.57 -14.34
N ILE B 284 -20.42 14.34 -13.93
CA ILE B 284 -19.60 13.63 -12.95
C ILE B 284 -19.03 12.39 -13.62
N ALA B 285 -17.72 12.23 -13.55
CA ALA B 285 -17.02 11.08 -14.10
C ALA B 285 -16.48 10.23 -12.95
N THR B 286 -16.62 8.92 -13.07
CA THR B 286 -16.18 7.97 -12.04
C THR B 286 -14.90 7.29 -12.51
N LEU B 287 -13.90 7.22 -11.61
CA LEU B 287 -12.58 6.71 -11.97
C LEU B 287 -12.19 5.53 -11.07
N PRO B 288 -11.56 4.47 -11.65
CA PRO B 288 -11.24 3.26 -10.87
C PRO B 288 -9.90 3.36 -10.14
N ILE B 289 -9.79 4.34 -9.24
CA ILE B 289 -8.69 4.41 -8.27
C ILE B 289 -9.29 4.84 -6.94
N GLY B 290 -8.76 4.31 -5.86
CA GLY B 290 -9.25 4.70 -4.54
C GLY B 290 -8.20 4.59 -3.47
N TYR B 291 -8.57 4.76 -2.20
CA TYR B 291 -7.53 4.82 -1.18
C TYR B 291 -6.83 3.49 -0.94
N ALA B 292 -7.44 2.35 -1.30
CA ALA B 292 -6.70 1.09 -1.16
C ALA B 292 -5.66 0.92 -2.26
N ASP B 293 -5.69 1.76 -3.30
CA ASP B 293 -4.59 1.81 -4.25
C ASP B 293 -3.44 2.66 -3.75
N GLY B 294 -3.63 3.41 -2.65
CA GLY B 294 -2.67 4.38 -2.20
C GLY B 294 -3.01 5.81 -2.55
N TYR B 295 -4.19 6.06 -3.13
CA TYR B 295 -4.65 7.41 -3.43
C TYR B 295 -5.35 7.92 -2.19
N SER B 296 -4.65 8.77 -1.44
CA SER B 296 -5.02 9.09 -0.06
C SER B 296 -6.46 9.58 0.08
N ARG B 297 -7.14 9.09 1.12
CA ARG B 297 -8.48 9.56 1.41
C ARG B 297 -8.50 11.04 1.80
N ALA B 298 -7.36 11.61 2.21
CA ALA B 298 -7.31 13.03 2.53
C ALA B 298 -7.36 13.90 1.29
N LEU B 299 -7.33 13.32 0.10
CA LEU B 299 -7.63 14.07 -1.11
C LEU B 299 -9.14 14.20 -1.37
N SER B 300 -9.99 13.67 -0.49
CA SER B 300 -11.45 13.86 -0.60
C SER B 300 -11.78 15.35 -0.71
N ASN B 301 -12.57 15.69 -1.74
CA ASN B 301 -12.94 17.08 -2.03
C ASN B 301 -11.73 18.01 -2.17
N ARG B 302 -10.57 17.47 -2.54
CA ARG B 302 -9.36 18.29 -2.57
C ARG B 302 -8.44 18.00 -3.76
N GLY B 303 -8.27 16.73 -4.13
CA GLY B 303 -7.35 16.39 -5.19
C GLY B 303 -7.82 16.84 -6.55
N PHE B 304 -6.91 16.74 -7.50
CA PHE B 304 -7.17 17.03 -8.91
C PHE B 304 -6.64 15.87 -9.75
N VAL B 305 -7.25 15.65 -10.91
CA VAL B 305 -6.70 14.80 -11.97
C VAL B 305 -6.73 15.60 -13.26
N LEU B 306 -6.00 15.12 -14.26
CA LEU B 306 -5.94 15.75 -15.57
C LEU B 306 -6.86 15.01 -16.53
N HIS B 307 -7.75 15.76 -17.19
CA HIS B 307 -8.59 15.23 -18.25
C HIS B 307 -8.55 16.21 -19.41
N ARG B 308 -8.13 15.72 -20.58
CA ARG B 308 -8.05 16.55 -21.78
C ARG B 308 -7.22 17.80 -21.51
N GLY B 309 -6.16 17.63 -20.74
CA GLY B 309 -5.23 18.72 -20.49
C GLY B 309 -5.61 19.69 -19.40
N LYS B 310 -6.69 19.44 -18.66
CA LYS B 310 -7.17 20.38 -17.65
C LYS B 310 -7.29 19.67 -16.31
N ARG B 311 -7.06 20.43 -15.24
CA ARG B 311 -7.27 19.94 -13.89
C ARG B 311 -8.76 19.88 -13.58
N VAL B 312 -9.27 18.70 -13.21
CA VAL B 312 -10.66 18.60 -12.78
C VAL B 312 -10.68 18.07 -11.35
N PRO B 313 -11.54 18.60 -10.48
CA PRO B 313 -11.43 18.31 -9.05
C PRO B 313 -12.12 17.03 -8.64
N VAL B 314 -11.56 16.38 -7.61
CA VAL B 314 -12.26 15.30 -6.92
C VAL B 314 -13.52 15.86 -6.28
N ALA B 315 -14.63 15.17 -6.49
CA ALA B 315 -15.93 15.55 -5.92
C ALA B 315 -16.30 14.52 -4.86
N GLY B 316 -16.50 14.99 -3.63
CA GLY B 316 -16.90 14.09 -2.56
C GLY B 316 -15.73 13.26 -2.05
N ARG B 317 -16.06 12.26 -1.24
CA ARG B 317 -15.05 11.43 -0.58
C ARG B 317 -14.44 10.41 -1.53
N VAL B 318 -13.12 10.23 -1.41
CA VAL B 318 -12.44 9.07 -1.99
C VAL B 318 -13.01 7.81 -1.36
N THR B 319 -13.29 6.79 -2.18
CA THR B 319 -13.75 5.51 -1.66
C THR B 319 -12.62 4.49 -1.82
N MET B 320 -12.87 3.25 -1.39
CA MET B 320 -11.76 2.29 -1.31
C MET B 320 -11.18 1.99 -2.69
N ASP B 321 -12.03 1.91 -3.72
CA ASP B 321 -11.60 1.55 -5.06
C ASP B 321 -11.93 2.58 -6.13
N MET B 322 -12.63 3.66 -5.80
CA MET B 322 -13.14 4.56 -6.82
C MET B 322 -13.13 6.00 -6.31
N ILE B 323 -12.98 6.94 -7.25
CA ILE B 323 -13.20 8.36 -6.97
C ILE B 323 -14.14 8.90 -8.03
N MET B 324 -14.75 10.05 -7.71
CA MET B 324 -15.55 10.81 -8.65
C MET B 324 -14.91 12.18 -8.81
N VAL B 325 -14.93 12.71 -10.04
CA VAL B 325 -14.42 14.04 -10.35
C VAL B 325 -15.49 14.79 -11.12
N SER B 326 -15.45 16.13 -11.04
CA SER B 326 -16.41 16.98 -11.72
C SER B 326 -15.81 17.49 -13.02
N LEU B 327 -16.52 17.25 -14.13
CA LEU B 327 -16.16 17.85 -15.41
C LEU B 327 -16.86 19.19 -15.64
N GLY B 328 -17.58 19.72 -14.64
CA GLY B 328 -18.24 20.99 -14.75
C GLY B 328 -19.61 20.90 -15.38
N GLU B 329 -20.27 22.05 -15.51
CA GLU B 329 -21.58 22.08 -16.14
C GLU B 329 -21.45 21.83 -17.64
N ASN B 330 -22.22 20.85 -18.13
CA ASN B 330 -22.14 20.38 -19.52
C ASN B 330 -20.71 20.07 -19.93
N GLY B 331 -19.91 19.58 -19.00
CA GLY B 331 -18.53 19.29 -19.30
C GLY B 331 -18.40 18.17 -20.32
N GLU B 332 -17.33 18.23 -21.10
CA GLU B 332 -17.11 17.23 -22.15
C GLU B 332 -16.24 16.11 -21.59
N GLY B 333 -16.69 14.88 -21.81
CA GLY B 333 -15.99 13.70 -21.35
C GLY B 333 -16.74 12.45 -21.76
N LYS B 334 -16.01 11.36 -21.99
CA LYS B 334 -16.63 10.10 -22.35
C LYS B 334 -15.98 8.97 -21.57
N GLN B 335 -16.77 7.94 -21.28
CA GLN B 335 -16.22 6.66 -20.86
C GLN B 335 -15.06 6.27 -21.76
N GLY B 336 -13.98 5.77 -21.15
CA GLY B 336 -12.80 5.38 -21.89
C GLY B 336 -11.73 6.45 -22.01
N ASP B 337 -12.09 7.74 -21.84
CA ASP B 337 -11.10 8.80 -21.88
C ASP B 337 -9.98 8.57 -20.86
N GLU B 338 -8.74 8.81 -21.28
CA GLU B 338 -7.59 8.66 -20.39
C GLU B 338 -7.47 9.84 -19.43
N VAL B 339 -7.17 9.53 -18.18
CA VAL B 339 -7.02 10.52 -17.13
C VAL B 339 -5.65 10.33 -16.49
N VAL B 340 -4.98 11.42 -16.14
CA VAL B 340 -3.69 11.34 -15.48
C VAL B 340 -3.86 11.76 -14.03
N ILE B 341 -3.51 10.86 -13.13
CA ILE B 341 -3.68 11.07 -11.70
C ILE B 341 -2.41 11.64 -11.07
N TYR B 342 -1.26 11.05 -11.37
CA TYR B 342 0.04 11.65 -11.15
C TYR B 342 0.75 11.72 -12.50
N GLY B 343 1.24 12.91 -12.89
CA GLY B 343 2.03 13.01 -14.09
C GLY B 343 1.58 14.15 -14.98
N LYS B 344 1.94 14.05 -16.26
CA LYS B 344 1.72 15.10 -17.24
C LYS B 344 0.64 14.70 -18.25
N GLN B 345 -0.02 15.71 -18.80
CA GLN B 345 -0.98 15.46 -19.88
C GLN B 345 -1.16 16.76 -20.65
N LYS B 346 -0.79 16.77 -21.93
CA LYS B 346 -0.83 17.97 -22.77
C LYS B 346 -0.02 19.05 -22.05
N GLY B 347 -0.58 20.23 -21.81
CA GLY B 347 0.21 21.25 -21.14
C GLY B 347 0.40 21.01 -19.65
N ALA B 348 -0.48 20.22 -19.02
CA ALA B 348 -0.65 20.25 -17.59
C ALA B 348 0.19 19.16 -16.89
N GLU B 349 0.30 19.29 -15.58
CA GLU B 349 1.03 18.33 -14.77
C GLU B 349 0.52 18.38 -13.33
N ILE B 350 0.32 17.21 -12.74
CA ILE B 350 0.06 17.07 -11.30
C ILE B 350 1.19 16.20 -10.76
N SER B 351 2.26 16.84 -10.29
CA SER B 351 3.43 16.08 -9.88
C SER B 351 3.18 15.38 -8.56
N VAL B 352 3.97 14.33 -8.34
CA VAL B 352 3.99 13.63 -7.06
C VAL B 352 4.40 14.59 -5.94
N ASP B 353 5.30 15.53 -6.24
CA ASP B 353 5.69 16.52 -5.25
C ASP B 353 4.50 17.39 -4.85
N GLU B 354 3.65 17.77 -5.81
CA GLU B 354 2.50 18.61 -5.48
C GLU B 354 1.46 17.82 -4.70
N VAL B 355 1.29 16.54 -5.00
CA VAL B 355 0.39 15.72 -4.20
C VAL B 355 0.92 15.57 -2.79
N ALA B 356 2.23 15.36 -2.65
CA ALA B 356 2.84 15.25 -1.32
C ALA B 356 2.65 16.52 -0.51
N GLU B 357 2.84 17.69 -1.13
CA GLU B 357 2.65 18.94 -0.39
C GLU B 357 1.20 19.07 0.08
N MET B 358 0.25 18.73 -0.78
CA MET B 358 -1.16 18.77 -0.42
C MET B 358 -1.44 17.89 0.79
N LEU B 359 -0.79 16.73 0.86
CA LEU B 359 -0.99 15.78 1.95
C LEU B 359 -0.04 16.01 3.12
N ASN B 360 0.83 17.03 3.04
CA ASN B 360 1.80 17.32 4.09
C ASN B 360 2.74 16.13 4.33
N THR B 361 3.16 15.46 3.26
CA THR B 361 4.15 14.39 3.37
C THR B 361 5.26 14.63 2.35
N ILE B 362 5.94 13.58 1.88
CA ILE B 362 7.06 13.70 0.95
C ILE B 362 6.85 12.76 -0.23
N ASN B 363 7.53 13.07 -1.33
CA ASN B 363 7.33 12.30 -2.54
C ASN B 363 7.65 10.82 -2.30
N TYR B 364 8.66 10.52 -1.48
CA TYR B 364 8.98 9.14 -1.11
C TYR B 364 7.73 8.36 -0.71
N GLU B 365 6.89 8.93 0.17
CA GLU B 365 5.73 8.17 0.64
C GLU B 365 4.68 8.03 -0.44
N VAL B 366 4.48 9.07 -1.25
CA VAL B 366 3.46 8.99 -2.30
C VAL B 366 3.76 7.85 -3.27
N VAL B 367 5.02 7.72 -3.71
CA VAL B 367 5.28 6.66 -4.69
C VAL B 367 5.40 5.30 -4.01
N SER B 368 6.04 5.21 -2.83
CA SER B 368 6.29 3.89 -2.27
C SER B 368 5.05 3.26 -1.62
N THR B 369 3.93 3.98 -1.54
CA THR B 369 2.69 3.35 -1.08
C THR B 369 1.72 3.02 -2.21
N LEU B 370 2.19 3.04 -3.46
CA LEU B 370 1.32 2.64 -4.56
C LEU B 370 1.13 1.13 -4.54
N SER B 371 -0.13 0.70 -4.46
CA SER B 371 -0.47 -0.69 -4.20
C SER B 371 0.03 -1.60 -5.33
N ARG B 372 0.39 -2.83 -4.96
CA ARG B 372 0.81 -3.77 -5.99
C ARG B 372 -0.36 -4.26 -6.84
N ARG B 373 -1.61 -3.98 -6.47
CA ARG B 373 -2.71 -4.38 -7.33
C ARG B 373 -2.87 -3.50 -8.56
N ILE B 374 -2.15 -2.38 -8.63
CA ILE B 374 -2.05 -1.54 -9.84
C ILE B 374 -0.99 -2.15 -10.75
N PRO B 375 -1.29 -2.54 -11.98
CA PRO B 375 -0.23 -3.07 -12.85
C PRO B 375 0.72 -1.97 -13.29
N ARG B 376 1.99 -2.34 -13.45
CA ARG B 376 3.05 -1.43 -13.90
C ARG B 376 3.43 -1.76 -15.32
N PHE B 377 3.53 -0.72 -16.15
CA PHE B 377 4.04 -0.84 -17.51
C PHE B 377 5.31 0.00 -17.62
N TYR B 378 6.24 -0.46 -18.46
CA TYR B 378 7.56 0.15 -18.58
C TYR B 378 7.76 0.66 -19.99
N ILE B 379 8.31 1.87 -20.10
CA ILE B 379 8.65 2.50 -21.37
C ILE B 379 10.17 2.52 -21.51
N ARG B 380 10.66 1.98 -22.62
CA ARG B 380 12.08 1.95 -22.91
C ARG B 380 12.27 2.23 -24.38
N ASP B 381 13.13 3.20 -24.70
CA ASP B 381 13.33 3.64 -26.08
C ASP B 381 11.99 4.04 -26.69
N GLY B 382 11.14 4.67 -25.89
CA GLY B 382 9.91 5.23 -26.35
C GLY B 382 8.71 4.29 -26.46
N GLU B 383 8.86 3.01 -26.08
CA GLU B 383 7.76 2.05 -26.27
C GLU B 383 7.57 1.20 -25.01
N ILE B 384 6.32 0.69 -24.85
CA ILE B 384 5.85 0.02 -23.64
C ILE B 384 6.21 -1.47 -23.65
N PHE B 385 6.37 -2.06 -22.46
CA PHE B 385 6.36 -3.51 -22.27
C PHE B 385 5.94 -3.84 -20.83
N LYS B 386 5.80 -5.13 -20.56
CA LYS B 386 5.43 -5.65 -19.23
C LYS B 386 4.18 -4.98 -18.66
#